data_8PE3
#
_entry.id   8PE3
#
_cell.length_a   99.906
_cell.length_b   99.906
_cell.length_c   286.531
_cell.angle_alpha   90.00
_cell.angle_beta   90.00
_cell.angle_gamma   90.00
#
_symmetry.space_group_name_H-M   'P 43 21 2'
#
loop_
_entity.id
_entity.type
_entity.pdbx_description
1 polymer "CRISPR system endoribonuclease Csm6'"
2 polymer 'Cyclic hexaadenosine monophosphate (cA6)'
3 polymer RNA
4 water water
#
loop_
_entity_poly.entity_id
_entity_poly.type
_entity_poly.pdbx_seq_one_letter_code
_entity_poly.pdbx_strand_id
1 'polypeptide(L)'
;GANAMGVLISAVGDTDPFRNFHDGALIHIARKYRPEKVILIFSEHTAKKQGNIEKALFSIAPNYEPELIIHDPIISDNEV
HIFDVMFQRFSDILQEYYTKEDEFILNLSSATPQIKSALFVINRLNGINVKAVQVSSPEHASNENIGHDNDENIDELIEV
NKDNKVNFIDRTIEDNAEKFSQALLKKTARDFIEKFDYKAALDILDQLSDFPNLKSVREEIRDVVNCLSKQDVPKGLRHK
KLKEEEQKILSAYLTIELQRERGNVSESFIRIKNLTEFILEDYIKKRYPGLIDEYCEDIQKYYLSLFDYSKLLKATKEFK
LKRTIAPIIDMNSSRNKVAHSLSPLDSDAVKQLGIAMKTLKTLVREQYHFSQSDFNFYQDLNKILLTKLN
;
A,B
2 'polyribonucleotide' AAAAAA C
3 'polyribonucleotide' (ADN)A(A23) D,E
#
loop_
_chem_comp.id
_chem_comp.type
_chem_comp.name
_chem_comp.formula
A RNA linking ADENOSINE-5'-MONOPHOSPHATE 'C10 H14 N5 O7 P'
A23 RNA linking 'ADENOSINE-5'-PHOSPHATE-2',3'-CYCLIC PHOSPHATE' 'C10 H13 N5 O9 P2'
ADN non-polymer ADENOSINE 'C10 H13 N5 O4'
#
# COMPACT_ATOMS: atom_id res chain seq x y z
N GLY A 1 23.65 14.87 18.25
CA GLY A 1 23.54 16.26 17.85
C GLY A 1 22.68 17.10 18.79
N ALA A 2 22.26 18.28 18.33
CA ALA A 2 21.45 19.15 19.15
C ALA A 2 20.06 18.56 19.36
N ASN A 3 19.41 19.04 20.42
CA ASN A 3 18.10 18.55 20.81
C ASN A 3 17.01 19.12 19.90
N ALA A 4 15.82 18.53 20.01
CA ALA A 4 14.74 18.84 19.09
C ALA A 4 14.19 20.24 19.33
N MET A 5 13.99 21.00 18.26
CA MET A 5 13.24 22.23 18.35
C MET A 5 11.85 22.01 17.77
N GLY A 6 10.90 22.86 18.21
CA GLY A 6 9.57 22.84 17.65
C GLY A 6 9.50 23.70 16.41
N VAL A 7 9.08 23.13 15.29
CA VAL A 7 9.03 23.82 14.01
C VAL A 7 7.59 23.80 13.52
N LEU A 8 7.01 24.98 13.35
CA LEU A 8 5.66 25.12 12.82
C LEU A 8 5.77 25.39 11.32
N ILE A 9 5.34 24.44 10.51
CA ILE A 9 5.18 24.67 9.08
C ILE A 9 3.77 25.17 8.84
N SER A 10 3.64 26.29 8.12
CA SER A 10 2.33 26.89 7.90
C SER A 10 2.33 27.69 6.62
N ALA A 11 1.18 27.70 5.97
CA ALA A 11 0.93 28.64 4.88
C ALA A 11 0.22 29.86 5.46
N VAL A 12 -0.10 30.83 4.59
CA VAL A 12 -0.70 32.09 5.00
C VAL A 12 -1.92 32.34 4.14
N GLY A 13 -3.04 32.68 4.79
CA GLY A 13 -4.28 32.96 4.09
C GLY A 13 -4.88 34.29 4.52
N ASP A 14 -6.06 34.58 3.96
CA ASP A 14 -6.71 35.87 4.12
C ASP A 14 -7.10 36.14 5.57
N THR A 15 -7.14 35.11 6.40
CA THR A 15 -7.53 35.25 7.80
C THR A 15 -6.32 35.48 8.70
N ASP A 16 -5.10 35.36 8.16
CA ASP A 16 -3.89 35.66 8.89
C ASP A 16 -3.48 37.11 8.66
N PRO A 17 -2.98 37.80 9.69
CA PRO A 17 -2.74 37.31 11.05
C PRO A 17 -3.96 37.40 11.96
N PHE A 18 -4.91 38.29 11.70
CA PHE A 18 -6.03 38.51 12.61
C PHE A 18 -7.33 38.65 11.82
N ARG A 19 -8.43 38.28 12.46
CA ARG A 19 -9.75 38.43 11.85
C ARG A 19 -10.78 38.46 12.97
N ASN A 20 -11.73 39.37 12.86
CA ASN A 20 -12.90 39.41 13.73
C ASN A 20 -12.50 39.41 15.21
N PHE A 21 -11.60 40.33 15.55
CA PHE A 21 -11.15 40.52 16.94
C PHE A 21 -10.49 39.27 17.50
N HIS A 22 -9.91 38.45 16.64
CA HIS A 22 -9.28 37.23 17.13
C HIS A 22 -8.07 36.85 16.29
N ASP A 23 -7.26 35.96 16.87
CA ASP A 23 -6.18 35.32 16.15
C ASP A 23 -6.71 34.61 14.92
N GLY A 24 -5.99 34.74 13.81
CA GLY A 24 -6.07 33.76 12.76
C GLY A 24 -5.42 32.47 13.22
N ALA A 25 -5.44 31.48 12.33
CA ALA A 25 -4.92 30.17 12.71
C ALA A 25 -3.43 30.23 12.99
N LEU A 26 -2.68 30.93 12.14
CA LEU A 26 -1.22 30.95 12.30
C LEU A 26 -0.83 31.52 13.66
N ILE A 27 -1.36 32.71 13.99
CA ILE A 27 -0.98 33.35 15.25
C ILE A 27 -1.47 32.53 16.44
N HIS A 28 -2.68 31.96 16.33
CA HIS A 28 -3.23 31.18 17.44
C HIS A 28 -2.34 29.98 17.77
N ILE A 29 -1.90 29.26 16.75
CA ILE A 29 -1.05 28.08 16.99
C ILE A 29 0.29 28.50 17.56
N ALA A 30 0.88 29.56 17.00
CA ALA A 30 2.12 30.10 17.56
C ALA A 30 1.94 30.51 19.01
N ARG A 31 0.86 31.26 19.29
CA ARG A 31 0.60 31.71 20.65
C ARG A 31 0.50 30.54 21.63
N LYS A 32 -0.18 29.48 21.23
CA LYS A 32 -0.39 28.37 22.17
C LYS A 32 0.84 27.49 22.29
N TYR A 33 1.44 27.13 21.15
CA TYR A 33 2.50 26.11 21.16
C TYR A 33 3.90 26.68 21.25
N ARG A 34 4.07 27.99 21.05
CA ARG A 34 5.36 28.67 21.11
C ARG A 34 6.46 27.90 20.38
N PRO A 35 6.34 27.73 19.07
CA PRO A 35 7.41 27.04 18.34
C PRO A 35 8.64 27.92 18.19
N GLU A 36 9.81 27.26 18.21
CA GLU A 36 11.08 27.97 18.10
C GLU A 36 11.35 28.43 16.68
N LYS A 37 11.03 27.61 15.69
CA LYS A 37 11.12 27.96 14.28
C LYS A 37 9.72 27.99 13.68
N VAL A 38 9.51 28.86 12.70
CA VAL A 38 8.24 28.95 11.99
C VAL A 38 8.56 29.09 10.50
N ILE A 39 8.20 28.08 9.72
CA ILE A 39 8.43 28.09 8.28
C ILE A 39 7.16 28.59 7.62
N LEU A 40 7.23 29.74 6.96
CA LEU A 40 6.04 30.40 6.43
C LEU A 40 5.99 30.29 4.91
N ILE A 41 4.90 29.72 4.40
CA ILE A 41 4.71 29.50 2.98
C ILE A 41 3.75 30.57 2.47
N PHE A 42 4.21 31.44 1.58
CA PHE A 42 3.41 32.55 1.11
C PHE A 42 2.94 32.30 -0.32
N SER A 43 1.89 33.03 -0.70
CA SER A 43 1.52 33.17 -2.10
C SER A 43 1.68 34.64 -2.49
N GLU A 44 1.63 34.88 -3.80
CA GLU A 44 1.65 36.25 -4.30
C GLU A 44 0.61 37.11 -3.59
N HIS A 45 -0.60 36.58 -3.45
CA HIS A 45 -1.67 37.34 -2.80
C HIS A 45 -1.32 37.71 -1.37
N THR A 46 -0.73 36.77 -0.63
CA THR A 46 -0.49 36.99 0.80
C THR A 46 0.89 37.56 1.10
N ALA A 47 1.79 37.56 0.12
CA ALA A 47 3.16 37.99 0.39
C ALA A 47 3.21 39.46 0.82
N LYS A 48 2.32 40.29 0.25
CA LYS A 48 2.20 41.69 0.65
C LYS A 48 2.06 41.86 2.16
N LYS A 49 1.58 40.83 2.87
CA LYS A 49 1.31 40.91 4.30
C LYS A 49 2.46 40.40 5.15
N GLN A 50 3.61 40.09 4.54
CA GLN A 50 4.72 39.48 5.27
C GLN A 50 5.09 40.29 6.51
N GLY A 51 5.24 41.60 6.36
CA GLY A 51 5.63 42.42 7.50
C GLY A 51 4.63 42.34 8.64
N ASN A 52 3.34 42.45 8.33
CA ASN A 52 2.32 42.36 9.35
C ASN A 52 2.32 40.99 10.02
N ILE A 53 2.67 39.94 9.27
CA ILE A 53 2.79 38.60 9.86
C ILE A 53 3.89 38.58 10.91
N GLU A 54 5.10 39.05 10.56
CA GLU A 54 6.20 39.00 11.52
C GLU A 54 5.93 39.92 12.70
N LYS A 55 5.34 41.10 12.44
CA LYS A 55 4.94 41.97 13.55
C LYS A 55 4.01 41.24 14.49
N ALA A 56 3.01 40.53 13.94
CA ALA A 56 2.06 39.81 14.76
C ALA A 56 2.73 38.73 15.58
N LEU A 57 3.68 37.98 14.99
CA LEU A 57 4.32 36.91 15.73
C LEU A 57 5.17 37.44 16.87
N PHE A 58 5.90 38.53 16.65
CA PHE A 58 6.68 39.11 17.73
C PHE A 58 5.83 39.89 18.72
N SER A 59 4.54 40.01 18.46
CA SER A 59 3.62 40.68 19.37
C SER A 59 3.01 39.74 20.41
N ILE A 60 3.40 38.47 20.42
CA ILE A 60 2.68 37.49 21.23
C ILE A 60 3.06 37.64 22.70
N ALA A 61 4.34 37.53 22.98
CA ALA A 61 4.88 37.65 24.33
C ALA A 61 6.20 38.38 24.17
N PRO A 62 6.69 39.06 25.22
CA PRO A 62 7.93 39.78 25.08
C PRO A 62 9.23 38.94 24.90
N ASN A 63 9.37 37.76 25.50
CA ASN A 63 10.51 36.84 25.38
C ASN A 63 10.30 35.76 24.31
N TYR A 64 9.22 35.85 23.54
CA TYR A 64 8.95 34.90 22.47
C TYR A 64 9.50 35.47 21.18
N GLU A 65 10.61 34.91 20.72
CA GLU A 65 11.34 35.37 19.54
C GLU A 65 11.52 34.22 18.57
N PRO A 66 10.48 33.88 17.80
CA PRO A 66 10.58 32.73 16.90
C PRO A 66 11.48 33.03 15.71
N GLU A 67 12.22 32.01 15.28
CA GLU A 67 13.02 32.10 14.06
C GLU A 67 12.10 31.91 12.86
N LEU A 68 11.99 32.94 12.02
CA LEU A 68 11.01 32.96 10.94
C LEU A 68 11.70 32.63 9.63
N ILE A 69 11.38 31.46 9.08
CA ILE A 69 11.86 31.06 7.76
C ILE A 69 10.79 31.44 6.73
N ILE A 70 11.16 32.30 5.79
CA ILE A 70 10.25 32.74 4.73
C ILE A 70 10.56 31.90 3.49
N HIS A 71 9.74 30.88 3.25
CA HIS A 71 10.06 29.90 2.22
C HIS A 71 10.12 30.53 0.82
N ASP A 72 10.97 29.95 -0.02
CA ASP A 72 11.18 30.38 -1.38
C ASP A 72 11.24 29.13 -2.24
N PRO A 73 10.58 29.12 -3.40
CA PRO A 73 9.78 30.19 -4.03
C PRO A 73 8.40 30.33 -3.40
N ILE A 74 7.75 31.49 -3.49
CA ILE A 74 6.40 31.58 -2.98
C ILE A 74 5.50 30.86 -3.97
N ILE A 75 4.26 30.61 -3.57
CA ILE A 75 3.33 29.84 -4.39
C ILE A 75 2.61 30.78 -5.35
N SER A 76 2.57 30.41 -6.62
CA SER A 76 1.92 31.25 -7.61
C SER A 76 0.41 31.23 -7.43
N ASP A 77 -0.22 32.39 -7.59
CA ASP A 77 -1.63 32.52 -7.26
C ASP A 77 -2.51 31.69 -8.19
N ASN A 78 -2.08 31.46 -9.41
CA ASN A 78 -2.88 30.70 -10.36
C ASN A 78 -2.64 29.19 -10.25
N GLU A 79 -1.86 28.77 -9.25
CA GLU A 79 -1.72 27.37 -8.88
C GLU A 79 -2.39 27.05 -7.55
N VAL A 80 -2.57 28.06 -6.68
CA VAL A 80 -2.87 27.85 -5.28
C VAL A 80 -4.23 27.22 -5.02
N HIS A 81 -5.07 27.10 -6.05
CA HIS A 81 -6.43 26.62 -5.91
C HIS A 81 -6.65 25.25 -6.56
N ILE A 82 -5.62 24.66 -7.16
CA ILE A 82 -5.75 23.39 -7.86
C ILE A 82 -5.34 22.27 -6.93
N PHE A 83 -6.21 21.28 -6.77
CA PHE A 83 -6.00 20.22 -5.79
C PHE A 83 -4.70 19.46 -6.03
N ASP A 84 -4.56 18.91 -7.23
CA ASP A 84 -3.44 18.00 -7.44
C ASP A 84 -2.12 18.76 -7.48
N VAL A 85 -2.14 20.02 -7.91
CA VAL A 85 -0.92 20.82 -7.98
C VAL A 85 -0.44 21.18 -6.58
N MET A 86 -1.36 21.58 -5.71
CA MET A 86 -0.94 21.90 -4.35
C MET A 86 -0.53 20.66 -3.56
N PHE A 87 -1.10 19.50 -3.89
CA PHE A 87 -0.64 18.29 -3.25
C PHE A 87 0.84 18.06 -3.54
N GLN A 88 1.23 18.13 -4.82
CA GLN A 88 2.64 18.01 -5.16
C GLN A 88 3.48 19.08 -4.46
N ARG A 89 3.05 20.34 -4.55
CA ARG A 89 3.85 21.43 -3.99
CA ARG A 89 3.84 21.43 -3.98
C ARG A 89 4.15 21.20 -2.51
N PHE A 90 3.15 20.75 -1.73
CA PHE A 90 3.37 20.58 -0.31
C PHE A 90 3.94 19.22 0.05
N SER A 91 3.89 18.24 -0.85
CA SER A 91 4.78 17.10 -0.72
C SER A 91 6.23 17.56 -0.78
N ASP A 92 6.56 18.34 -1.81
CA ASP A 92 7.90 18.89 -1.98
C ASP A 92 8.31 19.71 -0.77
N ILE A 93 7.43 20.59 -0.30
CA ILE A 93 7.76 21.44 0.84
C ILE A 93 8.03 20.60 2.08
N LEU A 94 7.15 19.62 2.36
CA LEU A 94 7.32 18.82 3.56
C LEU A 94 8.57 17.94 3.47
N GLN A 95 8.91 17.44 2.28
CA GLN A 95 10.17 16.70 2.20
C GLN A 95 11.37 17.62 2.33
N GLU A 96 11.22 18.89 1.96
CA GLU A 96 12.33 19.84 2.10
C GLU A 96 12.64 20.13 3.56
N TYR A 97 11.62 20.18 4.43
CA TYR A 97 11.85 20.63 5.80
C TYR A 97 11.80 19.54 6.86
N TYR A 98 11.22 18.38 6.57
CA TYR A 98 11.02 17.40 7.63
C TYR A 98 12.35 16.81 8.07
N THR A 99 12.51 16.66 9.39
CA THR A 99 13.64 15.97 9.99
C THR A 99 13.11 14.99 11.02
N LYS A 100 13.80 13.86 11.16
CA LYS A 100 13.44 12.92 12.21
C LYS A 100 13.68 13.52 13.59
N GLU A 101 14.60 14.48 13.68
CA GLU A 101 15.07 14.96 14.98
C GLU A 101 14.11 15.95 15.63
N ASP A 102 13.53 16.87 14.85
CA ASP A 102 12.77 17.96 15.42
C ASP A 102 11.31 17.55 15.66
N GLU A 103 10.51 18.47 16.18
CA GLU A 103 9.11 18.19 16.53
C GLU A 103 8.22 19.21 15.81
N PHE A 104 7.56 18.75 14.75
CA PHE A 104 6.87 19.63 13.83
C PHE A 104 5.39 19.77 14.14
N ILE A 105 4.82 20.90 13.74
CA ILE A 105 3.39 21.17 13.80
C ILE A 105 2.95 21.66 12.42
N LEU A 106 1.87 21.09 11.90
CA LEU A 106 1.26 21.57 10.67
C LEU A 106 0.02 22.39 11.03
N ASN A 107 -0.09 23.57 10.45
CA ASN A 107 -1.28 24.39 10.55
C ASN A 107 -2.25 23.99 9.45
N LEU A 108 -3.31 23.29 9.84
CA LEU A 108 -4.31 22.82 8.89
C LEU A 108 -5.38 23.85 8.59
N SER A 109 -5.22 25.11 9.03
CA SER A 109 -6.31 26.06 8.97
C SER A 109 -5.92 27.40 8.32
N SER A 110 -4.86 27.44 7.52
CA SER A 110 -4.51 28.65 6.78
C SER A 110 -4.29 28.32 5.31
N ALA A 111 -4.82 29.19 4.43
CA ALA A 111 -4.68 29.21 2.97
C ALA A 111 -5.83 28.44 2.31
N THR A 112 -5.66 28.11 1.02
CA THR A 112 -6.75 27.52 0.26
C THR A 112 -7.10 26.13 0.77
N PRO A 113 -8.31 25.64 0.48
CA PRO A 113 -8.63 24.26 0.86
C PRO A 113 -7.69 23.25 0.25
N GLN A 114 -7.14 23.53 -0.94
CA GLN A 114 -6.24 22.61 -1.60
C GLN A 114 -4.93 22.50 -0.83
N ILE A 115 -4.52 23.56 -0.15
CA ILE A 115 -3.31 23.48 0.66
C ILE A 115 -3.60 22.80 1.99
N LYS A 116 -4.72 23.15 2.62
CA LYS A 116 -5.06 22.51 3.89
C LYS A 116 -5.30 21.02 3.70
N SER A 117 -5.97 20.63 2.60
CA SER A 117 -6.11 19.23 2.28
C SER A 117 -4.76 18.55 2.17
N ALA A 118 -3.87 19.11 1.35
CA ALA A 118 -2.55 18.52 1.14
C ALA A 118 -1.83 18.30 2.48
N LEU A 119 -1.86 19.30 3.37
CA LEU A 119 -1.17 19.12 4.65
C LEU A 119 -1.78 17.96 5.43
N PHE A 120 -3.11 17.93 5.54
CA PHE A 120 -3.78 16.86 6.29
C PHE A 120 -3.43 15.50 5.71
N VAL A 121 -3.39 15.39 4.38
CA VAL A 121 -3.22 14.10 3.74
C VAL A 121 -1.78 13.63 3.83
N ILE A 122 -0.84 14.52 3.50
CA ILE A 122 0.55 14.10 3.40
C ILE A 122 1.08 13.66 4.76
N ASN A 123 0.61 14.30 5.82
CA ASN A 123 1.03 13.94 7.18
C ASN A 123 0.92 12.44 7.43
N ARG A 124 -0.08 11.79 6.87
CA ARG A 124 -0.29 10.37 7.09
C ARG A 124 0.06 9.50 5.90
N LEU A 125 -0.13 10.00 4.67
CA LEU A 125 0.27 9.24 3.50
C LEU A 125 1.77 8.94 3.51
N ASN A 126 2.59 9.91 3.92
CA ASN A 126 4.03 9.69 4.06
C ASN A 126 4.44 9.28 5.47
N GLY A 127 3.49 8.97 6.33
CA GLY A 127 3.81 8.37 7.62
C GLY A 127 4.72 9.18 8.53
N ILE A 128 4.78 10.50 8.37
CA ILE A 128 5.55 11.28 9.33
C ILE A 128 4.75 11.56 10.60
N ASN A 129 3.43 11.72 10.49
CA ASN A 129 2.52 11.77 11.64
C ASN A 129 2.97 12.80 12.67
N VAL A 130 3.23 14.03 12.21
CA VAL A 130 3.60 15.09 13.12
C VAL A 130 2.31 15.71 13.67
N LYS A 131 2.43 16.67 14.57
CA LYS A 131 1.24 17.29 15.14
C LYS A 131 0.54 18.12 14.08
N ALA A 132 -0.78 17.95 13.98
CA ALA A 132 -1.59 18.65 12.99
C ALA A 132 -2.73 19.34 13.71
N VAL A 133 -2.80 20.67 13.60
CA VAL A 133 -3.67 21.50 14.42
C VAL A 133 -4.64 22.24 13.52
N GLN A 134 -5.93 22.19 13.88
CA GLN A 134 -6.94 23.08 13.35
C GLN A 134 -7.24 24.17 14.38
N VAL A 135 -7.70 25.32 13.89
CA VAL A 135 -8.13 26.43 14.73
C VAL A 135 -9.57 26.75 14.36
N SER A 136 -10.49 26.61 15.32
CA SER A 136 -11.88 26.92 15.05
C SER A 136 -12.05 28.40 14.80
N SER A 137 -13.06 28.73 13.98
CA SER A 137 -13.52 30.10 13.95
C SER A 137 -14.01 30.50 15.35
N PRO A 138 -13.78 31.74 15.78
CA PRO A 138 -14.41 32.20 17.03
C PRO A 138 -15.93 32.23 16.93
N GLU A 139 -16.49 32.21 15.72
CA GLU A 139 -17.93 32.08 15.56
C GLU A 139 -18.42 30.68 15.85
N HIS A 140 -17.55 29.68 15.80
CA HIS A 140 -17.97 28.29 15.95
C HIS A 140 -19.17 28.00 15.06
N ALA A 141 -19.08 28.51 13.83
CA ALA A 141 -20.12 28.44 12.82
C ALA A 141 -19.50 28.99 11.54
N SER A 142 -20.28 29.03 10.47
CA SER A 142 -19.81 29.61 9.23
C SER A 142 -19.32 31.04 9.44
N ASN A 143 -18.25 31.42 8.75
CA ASN A 143 -17.80 32.81 8.72
C ASN A 143 -18.53 33.62 7.66
N GLU A 144 -19.64 33.13 7.15
CA GLU A 144 -20.46 33.94 6.26
C GLU A 144 -20.84 35.24 6.95
N ASN A 145 -20.85 36.32 6.18
CA ASN A 145 -21.25 37.64 6.68
C ASN A 145 -20.23 38.18 7.69
N ILE A 146 -18.98 37.74 7.57
CA ILE A 146 -17.90 38.22 8.44
C ILE A 146 -16.71 38.57 7.55
N GLY A 147 -16.28 39.82 7.63
CA GLY A 147 -15.30 40.35 6.69
C GLY A 147 -13.87 40.10 7.11
N HIS A 148 -12.96 40.45 6.22
CA HIS A 148 -11.53 40.26 6.44
C HIS A 148 -10.88 41.57 6.89
N ASP A 149 -10.01 41.46 7.88
CA ASP A 149 -9.39 42.60 8.54
C ASP A 149 -8.06 43.01 7.89
N ASN A 150 -7.85 42.65 6.62
CA ASN A 150 -6.50 42.80 6.06
C ASN A 150 -6.18 44.24 5.64
N ASP A 151 -7.19 45.09 5.49
CA ASP A 151 -6.98 46.45 5.04
C ASP A 151 -6.97 47.43 6.21
N GLU A 152 -6.85 46.92 7.42
CA GLU A 152 -6.98 47.69 8.64
C GLU A 152 -5.60 48.05 9.17
N ASN A 153 -5.58 48.74 10.30
CA ASN A 153 -4.34 49.18 10.91
C ASN A 153 -3.80 48.04 11.76
N ILE A 154 -2.64 47.50 11.38
CA ILE A 154 -2.11 46.31 12.04
C ILE A 154 -1.96 46.55 13.53
N ASP A 155 -1.39 47.70 13.90
CA ASP A 155 -1.16 47.99 15.31
C ASP A 155 -2.46 48.06 16.10
N GLU A 156 -3.54 48.46 15.45
CA GLU A 156 -4.86 48.43 16.09
C GLU A 156 -5.30 47.00 16.34
N LEU A 157 -5.39 46.20 15.27
CA LEU A 157 -5.74 44.79 15.35
C LEU A 157 -5.02 44.10 16.49
N ILE A 158 -3.71 44.32 16.59
CA ILE A 158 -2.93 43.75 17.68
C ILE A 158 -3.49 44.17 19.03
N GLU A 159 -3.88 45.46 19.16
CA GLU A 159 -4.34 45.97 20.44
C GLU A 159 -5.73 45.46 20.78
N VAL A 160 -6.64 45.44 19.80
CA VAL A 160 -8.03 45.12 20.07
C VAL A 160 -8.27 43.60 20.15
N ASN A 161 -7.41 42.80 19.51
CA ASN A 161 -7.52 41.34 19.45
C ASN A 161 -7.83 40.73 20.82
N LYS A 162 -8.97 40.05 20.91
CA LYS A 162 -9.39 39.44 22.18
C LYS A 162 -8.49 38.31 22.64
N ASP A 163 -7.64 37.76 21.78
CA ASP A 163 -6.74 36.69 22.20
C ASP A 163 -5.47 37.23 22.84
N ASN A 164 -5.30 38.55 22.85
CA ASN A 164 -4.10 39.21 23.34
C ASN A 164 -4.03 39.22 24.86
N LYS A 165 -4.15 38.05 25.49
CA LYS A 165 -4.05 37.91 26.93
C LYS A 165 -3.23 36.67 27.23
N VAL A 166 -2.87 36.49 28.50
CA VAL A 166 -2.21 35.26 28.90
C VAL A 166 -3.21 34.11 28.90
N ASN A 167 -4.42 34.35 29.41
CA ASN A 167 -5.44 33.31 29.51
C ASN A 167 -6.41 33.41 28.34
N PHE A 168 -5.84 33.30 27.13
CA PHE A 168 -6.66 33.28 25.93
C PHE A 168 -7.53 32.03 25.91
N ILE A 169 -8.58 32.09 25.09
CA ILE A 169 -9.44 30.93 24.87
C ILE A 169 -8.81 30.07 23.78
N ASP A 170 -8.60 28.79 24.08
CA ASP A 170 -7.94 27.85 23.16
C ASP A 170 -8.96 27.38 22.13
N ARG A 171 -8.82 27.86 20.89
CA ARG A 171 -9.63 27.36 19.79
C ARG A 171 -8.91 26.33 18.94
N THR A 172 -7.78 25.80 19.42
CA THR A 172 -7.06 24.80 18.65
C THR A 172 -7.67 23.42 18.88
N ILE A 173 -7.72 22.64 17.81
CA ILE A 173 -8.15 21.25 17.82
C ILE A 173 -7.03 20.45 17.16
N GLU A 174 -6.58 19.40 17.81
CA GLU A 174 -5.53 18.57 17.24
C GLU A 174 -6.15 17.45 16.42
N ASP A 175 -5.66 17.26 15.20
CA ASP A 175 -6.10 16.14 14.39
C ASP A 175 -5.32 14.89 14.75
N ASN A 176 -6.02 13.77 14.85
CA ASN A 176 -5.36 12.49 15.00
C ASN A 176 -5.66 11.53 13.88
N ALA A 177 -6.52 11.90 12.93
CA ALA A 177 -6.75 11.11 11.72
C ALA A 177 -6.94 9.64 12.03
N GLU A 178 -7.73 9.34 13.06
CA GLU A 178 -7.98 7.95 13.40
C GLU A 178 -8.65 7.22 12.24
N LYS A 179 -9.76 7.76 11.74
CA LYS A 179 -10.49 7.09 10.67
C LYS A 179 -9.66 7.04 9.39
N PHE A 180 -8.99 8.14 9.06
CA PHE A 180 -8.20 8.22 7.84
C PHE A 180 -7.02 7.24 7.90
N SER A 181 -6.42 7.08 9.08
CA SER A 181 -5.31 6.14 9.21
C SER A 181 -5.77 4.70 8.99
N GLN A 182 -6.99 4.38 9.43
CA GLN A 182 -7.54 3.05 9.16
C GLN A 182 -7.72 2.83 7.67
N ALA A 183 -8.27 3.83 6.96
CA ALA A 183 -8.45 3.71 5.52
C ALA A 183 -7.13 3.46 4.82
N LEU A 184 -6.06 4.11 5.29
CA LEU A 184 -4.75 3.88 4.69
C LEU A 184 -4.26 2.47 4.98
N LEU A 185 -4.50 1.97 6.20
CA LEU A 185 -4.10 0.62 6.52
C LEU A 185 -4.91 -0.39 5.70
N LYS A 186 -6.22 -0.16 5.59
CA LYS A 186 -7.06 -1.04 4.78
C LYS A 186 -6.60 -1.04 3.33
N LYS A 187 -6.22 0.13 2.81
CA LYS A 187 -5.69 0.21 1.47
C LYS A 187 -4.46 -0.68 1.32
N THR A 188 -3.57 -0.66 2.31
CA THR A 188 -2.41 -1.54 2.26
C THR A 188 -2.83 -3.02 2.30
N ALA A 189 -3.78 -3.36 3.18
CA ALA A 189 -4.24 -4.75 3.22
C ALA A 189 -4.79 -5.17 1.86
N ARG A 190 -5.54 -4.29 1.21
CA ARG A 190 -6.06 -4.60 -0.11
C ARG A 190 -4.95 -4.76 -1.14
N ASP A 191 -3.94 -3.87 -1.09
CA ASP A 191 -2.80 -4.00 -2.00
C ASP A 191 -2.13 -5.35 -1.82
N PHE A 192 -1.93 -5.75 -0.56
CA PHE A 192 -1.29 -7.03 -0.29
C PHE A 192 -2.11 -8.19 -0.82
N ILE A 193 -3.43 -8.12 -0.66
CA ILE A 193 -4.29 -9.23 -1.08
C ILE A 193 -4.27 -9.37 -2.60
N GLU A 194 -4.39 -8.26 -3.31
CA GLU A 194 -4.34 -8.31 -4.77
C GLU A 194 -3.10 -9.03 -5.27
N LYS A 195 -2.00 -8.96 -4.53
CA LYS A 195 -0.74 -9.56 -4.94
C LYS A 195 -0.45 -10.86 -4.21
N PHE A 196 -1.41 -11.39 -3.46
CA PHE A 196 -1.39 -12.70 -2.84
C PHE A 196 -0.49 -12.78 -1.61
N ASP A 197 0.03 -11.66 -1.10
CA ASP A 197 0.70 -11.70 0.20
C ASP A 197 -0.36 -11.72 1.29
N TYR A 198 -0.83 -12.94 1.57
CA TYR A 198 -1.86 -13.08 2.59
C TYR A 198 -1.29 -12.92 3.99
N LYS A 199 -0.06 -13.36 4.22
CA LYS A 199 0.52 -13.19 5.56
C LYS A 199 0.64 -11.71 5.89
N ALA A 200 1.17 -10.92 4.95
CA ALA A 200 1.32 -9.49 5.20
C ALA A 200 -0.04 -8.82 5.36
N ALA A 201 -1.04 -9.23 4.55
CA ALA A 201 -2.38 -8.70 4.72
C ALA A 201 -2.93 -9.02 6.10
N LEU A 202 -2.69 -10.25 6.58
CA LEU A 202 -3.20 -10.63 7.89
C LEU A 202 -2.57 -9.80 9.00
N ASP A 203 -1.28 -9.49 8.88
CA ASP A 203 -0.63 -8.65 9.87
C ASP A 203 -1.32 -7.30 9.98
N ILE A 204 -1.71 -6.72 8.85
CA ILE A 204 -2.45 -5.45 8.88
C ILE A 204 -3.79 -5.64 9.57
N LEU A 205 -4.50 -6.71 9.22
CA LEU A 205 -5.86 -6.90 9.73
C LEU A 205 -5.86 -7.14 11.24
N ASP A 206 -4.81 -7.74 11.78
CA ASP A 206 -4.74 -7.97 13.22
C ASP A 206 -4.62 -6.67 14.00
N GLN A 207 -4.16 -5.60 13.37
CA GLN A 207 -3.94 -4.32 14.02
C GLN A 207 -5.01 -3.28 13.67
N LEU A 208 -6.12 -3.70 13.08
CA LEU A 208 -7.18 -2.80 12.65
C LEU A 208 -8.25 -2.66 13.72
N SER A 209 -8.79 -1.45 13.86
CA SER A 209 -9.95 -1.26 14.71
C SER A 209 -11.14 -1.99 14.13
N ASP A 210 -12.00 -2.50 14.99
CA ASP A 210 -13.03 -3.42 14.50
C ASP A 210 -14.06 -2.70 13.64
N PHE A 211 -14.61 -3.46 12.71
CA PHE A 211 -15.78 -3.06 11.93
C PHE A 211 -16.53 -4.34 11.59
N PRO A 212 -17.76 -4.22 11.02
CA PRO A 212 -18.55 -5.43 10.75
C PRO A 212 -17.80 -6.60 10.10
N ASN A 213 -17.28 -6.42 8.88
CA ASN A 213 -16.70 -7.53 8.13
C ASN A 213 -15.35 -7.99 8.65
N LEU A 214 -14.73 -7.28 9.59
CA LEU A 214 -13.32 -7.52 9.88
C LEU A 214 -13.05 -8.96 10.29
N LYS A 215 -13.91 -9.54 11.14
CA LYS A 215 -13.57 -10.85 11.71
C LYS A 215 -13.70 -11.97 10.69
N SER A 216 -14.65 -11.87 9.74
CA SER A 216 -14.75 -12.93 8.74
C SER A 216 -13.62 -12.83 7.72
N VAL A 217 -13.31 -11.61 7.29
CA VAL A 217 -12.17 -11.42 6.39
C VAL A 217 -10.90 -11.95 7.06
N ARG A 218 -10.69 -11.60 8.32
CA ARG A 218 -9.51 -12.10 9.02
C ARG A 218 -9.55 -13.60 9.17
N GLU A 219 -10.75 -14.17 9.37
CA GLU A 219 -10.85 -15.63 9.50
C GLU A 219 -10.57 -16.34 8.18
N GLU A 220 -11.10 -15.81 7.06
CA GLU A 220 -10.81 -16.39 5.76
C GLU A 220 -9.32 -16.34 5.43
N ILE A 221 -8.65 -15.22 5.69
CA ILE A 221 -7.25 -15.12 5.33
C ILE A 221 -6.39 -15.98 6.25
N ARG A 222 -6.75 -16.05 7.54
CA ARG A 222 -5.98 -16.88 8.46
C ARG A 222 -5.95 -18.34 8.02
N ASP A 223 -7.10 -18.87 7.59
CA ASP A 223 -7.14 -20.27 7.17
C ASP A 223 -6.24 -20.49 5.95
N VAL A 224 -6.27 -19.57 4.99
CA VAL A 224 -5.37 -19.65 3.85
C VAL A 224 -3.92 -19.61 4.30
N VAL A 225 -3.58 -18.61 5.13
CA VAL A 225 -2.20 -18.47 5.58
C VAL A 225 -1.75 -19.72 6.30
N ASN A 226 -2.56 -20.17 7.27
CA ASN A 226 -2.18 -21.29 8.13
C ASN A 226 -2.01 -22.57 7.30
N CYS A 227 -2.99 -22.88 6.46
CA CYS A 227 -2.91 -24.12 5.69
C CYS A 227 -1.71 -24.09 4.75
N LEU A 228 -1.54 -23.00 4.00
CA LEU A 228 -0.44 -22.94 3.04
C LEU A 228 0.91 -23.14 3.71
N SER A 229 1.12 -22.53 4.88
CA SER A 229 2.40 -22.68 5.55
C SER A 229 2.64 -24.13 5.94
N LYS A 230 1.64 -24.78 6.53
CA LYS A 230 1.73 -26.21 6.85
C LYS A 230 1.63 -27.10 5.60
N GLN A 231 1.53 -26.52 4.41
CA GLN A 231 1.30 -27.25 3.16
C GLN A 231 0.01 -28.07 3.26
N ASP A 232 -0.99 -27.50 3.93
CA ASP A 232 -2.31 -28.10 3.98
C ASP A 232 -3.19 -27.54 2.86
N VAL A 233 -4.45 -27.97 2.84
CA VAL A 233 -5.43 -27.51 1.86
C VAL A 233 -6.36 -26.52 2.55
N PRO A 234 -6.35 -25.24 2.18
CA PRO A 234 -7.31 -24.29 2.77
C PRO A 234 -8.73 -24.82 2.66
N LYS A 235 -9.55 -24.47 3.64
CA LYS A 235 -10.93 -24.95 3.66
C LYS A 235 -11.63 -24.64 2.34
N GLY A 236 -11.37 -23.47 1.77
CA GLY A 236 -12.04 -23.08 0.53
C GLY A 236 -11.77 -23.97 -0.66
N LEU A 237 -10.69 -24.76 -0.61
CA LEU A 237 -10.38 -25.63 -1.75
C LEU A 237 -10.80 -27.07 -1.52
N ARG A 238 -11.43 -27.38 -0.40
CA ARG A 238 -11.92 -28.74 -0.13
C ARG A 238 -13.33 -28.92 -0.70
N HIS A 239 -13.44 -28.67 -2.01
CA HIS A 239 -14.71 -28.86 -2.71
C HIS A 239 -15.23 -30.28 -2.49
N LYS A 240 -16.52 -30.40 -2.13
CA LYS A 240 -17.09 -31.73 -1.96
C LYS A 240 -17.23 -32.48 -3.28
N LYS A 241 -17.18 -31.78 -4.42
CA LYS A 241 -17.20 -32.49 -5.68
C LYS A 241 -15.91 -33.28 -5.93
N LEU A 242 -14.86 -33.01 -5.16
CA LEU A 242 -13.52 -33.56 -5.38
C LEU A 242 -13.18 -34.57 -4.29
N LYS A 243 -12.56 -35.68 -4.70
CA LYS A 243 -11.97 -36.59 -3.73
C LYS A 243 -10.80 -35.90 -3.03
N GLU A 244 -10.43 -36.45 -1.87
CA GLU A 244 -9.42 -35.80 -1.05
C GLU A 244 -8.12 -35.56 -1.83
N GLU A 245 -7.68 -36.57 -2.59
CA GLU A 245 -6.41 -36.38 -3.29
C GLU A 245 -6.55 -35.37 -4.42
N GLU A 246 -7.75 -35.25 -5.01
CA GLU A 246 -7.97 -34.21 -6.00
C GLU A 246 -7.87 -32.83 -5.39
N GLN A 247 -8.35 -32.67 -4.15
CA GLN A 247 -8.20 -31.39 -3.46
C GLN A 247 -6.73 -31.07 -3.22
N LYS A 248 -5.96 -32.07 -2.81
CA LYS A 248 -4.52 -31.88 -2.60
C LYS A 248 -3.85 -31.51 -3.91
N ILE A 249 -4.20 -32.18 -5.00
CA ILE A 249 -3.62 -31.87 -6.31
C ILE A 249 -3.98 -30.44 -6.72
N LEU A 250 -5.27 -30.09 -6.66
CA LEU A 250 -5.70 -28.77 -7.07
C LEU A 250 -5.01 -27.68 -6.26
N SER A 251 -4.95 -27.88 -4.94
CA SER A 251 -4.32 -26.87 -4.09
C SER A 251 -2.82 -26.78 -4.35
N ALA A 252 -2.14 -27.93 -4.37
CA ALA A 252 -0.70 -27.93 -4.64
C ALA A 252 -0.39 -27.25 -5.97
N TYR A 253 -1.22 -27.49 -6.99
CA TYR A 253 -1.01 -26.81 -8.26
C TYR A 253 -1.17 -25.31 -8.11
N LEU A 254 -2.28 -24.86 -7.52
CA LEU A 254 -2.51 -23.43 -7.39
C LEU A 254 -1.42 -22.75 -6.58
N THR A 255 -0.81 -23.47 -5.63
CA THR A 255 0.26 -22.88 -4.84
C THR A 255 1.50 -22.62 -5.69
N ILE A 256 1.78 -23.50 -6.67
CA ILE A 256 2.93 -23.23 -7.53
C ILE A 256 2.67 -21.99 -8.37
N GLU A 257 1.43 -21.81 -8.83
CA GLU A 257 1.10 -20.62 -9.59
C GLU A 257 1.29 -19.36 -8.74
N LEU A 258 0.81 -19.39 -7.49
CA LEU A 258 1.10 -18.32 -6.56
C LEU A 258 2.62 -18.11 -6.44
N GLN A 259 3.36 -19.20 -6.19
CA GLN A 259 4.81 -19.14 -6.11
C GLN A 259 5.42 -18.44 -7.33
N ARG A 260 4.91 -18.76 -8.52
CA ARG A 260 5.44 -18.14 -9.74
C ARG A 260 5.18 -16.64 -9.74
N GLU A 261 3.96 -16.24 -9.34
CA GLU A 261 3.61 -14.82 -9.34
C GLU A 261 4.52 -14.01 -8.43
N ARG A 262 4.82 -14.56 -7.26
CA ARG A 262 5.66 -13.93 -6.26
C ARG A 262 7.15 -14.00 -6.59
N GLY A 263 7.51 -14.56 -7.75
CA GLY A 263 8.88 -14.64 -8.20
C GLY A 263 9.71 -15.78 -7.66
N ASN A 264 9.11 -16.73 -6.93
CA ASN A 264 9.83 -17.86 -6.34
C ASN A 264 9.98 -18.99 -7.36
N VAL A 265 10.78 -18.74 -8.39
CA VAL A 265 10.87 -19.69 -9.50
C VAL A 265 11.63 -20.95 -9.09
N SER A 266 12.74 -20.81 -8.37
CA SER A 266 13.54 -22.00 -8.06
C SER A 266 12.76 -22.98 -7.20
N GLU A 267 11.94 -22.48 -6.28
CA GLU A 267 11.12 -23.37 -5.46
C GLU A 267 10.06 -24.09 -6.28
N SER A 268 9.67 -23.55 -7.44
CA SER A 268 8.69 -24.23 -8.29
C SER A 268 9.19 -25.58 -8.77
N PHE A 269 10.49 -25.72 -9.02
CA PHE A 269 10.96 -26.93 -9.68
C PHE A 269 10.82 -28.16 -8.80
N ILE A 270 11.02 -28.00 -7.48
CA ILE A 270 10.83 -29.14 -6.59
C ILE A 270 9.33 -29.45 -6.47
N ARG A 271 8.48 -28.42 -6.50
CA ARG A 271 7.06 -28.64 -6.34
C ARG A 271 6.44 -29.29 -7.57
N ILE A 272 6.88 -28.92 -8.77
CA ILE A 272 6.38 -29.54 -9.99
C ILE A 272 6.72 -31.03 -10.03
N LYS A 273 7.93 -31.39 -9.61
CA LYS A 273 8.29 -32.80 -9.60
C LYS A 273 7.42 -33.58 -8.61
N ASN A 274 7.27 -33.05 -7.40
CA ASN A 274 6.48 -33.72 -6.37
C ASN A 274 5.02 -33.87 -6.80
N LEU A 275 4.44 -32.82 -7.40
CA LEU A 275 3.05 -32.92 -7.81
C LEU A 275 2.88 -33.92 -8.93
N THR A 276 3.74 -33.84 -9.95
CA THR A 276 3.68 -34.80 -11.04
C THR A 276 3.86 -36.23 -10.53
N GLU A 277 4.82 -36.42 -9.62
CA GLU A 277 5.01 -37.74 -9.03
C GLU A 277 3.74 -38.23 -8.35
N PHE A 278 3.11 -37.35 -7.57
CA PHE A 278 1.91 -37.71 -6.83
C PHE A 278 0.76 -38.04 -7.76
N ILE A 279 0.61 -37.27 -8.84
CA ILE A 279 -0.44 -37.54 -9.80
C ILE A 279 -0.26 -38.90 -10.45
N LEU A 280 0.98 -39.23 -10.82
CA LEU A 280 1.21 -40.48 -11.53
C LEU A 280 0.98 -41.67 -10.61
N GLU A 281 1.52 -41.62 -9.39
CA GLU A 281 1.21 -42.64 -8.38
C GLU A 281 -0.29 -42.84 -8.25
N ASP A 282 -1.02 -41.74 -8.06
CA ASP A 282 -2.46 -41.81 -7.95
C ASP A 282 -3.08 -42.50 -9.16
N TYR A 283 -2.63 -42.13 -10.36
CA TYR A 283 -3.20 -42.72 -11.56
C TYR A 283 -2.89 -44.21 -11.63
N ILE A 284 -1.67 -44.61 -11.29
CA ILE A 284 -1.28 -46.00 -11.48
C ILE A 284 -1.89 -46.88 -10.39
N LYS A 285 -1.95 -46.40 -9.14
CA LYS A 285 -2.62 -47.16 -8.09
C LYS A 285 -4.07 -47.39 -8.43
N LYS A 286 -4.72 -46.39 -9.05
CA LYS A 286 -6.13 -46.51 -9.40
C LYS A 286 -6.34 -47.46 -10.56
N ARG A 287 -5.49 -47.38 -11.59
CA ARG A 287 -5.71 -48.08 -12.85
C ARG A 287 -5.06 -49.46 -12.90
N TYR A 288 -3.93 -49.65 -12.23
CA TYR A 288 -3.21 -50.92 -12.22
C TYR A 288 -2.94 -51.32 -10.78
N PRO A 289 -3.96 -51.77 -10.06
CA PRO A 289 -3.79 -52.16 -8.65
C PRO A 289 -2.71 -53.22 -8.50
N GLY A 290 -1.79 -52.98 -7.56
CA GLY A 290 -0.73 -53.91 -7.27
C GLY A 290 0.49 -53.81 -8.17
N LEU A 291 0.44 -53.01 -9.23
CA LEU A 291 1.61 -52.84 -10.09
C LEU A 291 2.76 -52.20 -9.33
N ILE A 292 2.48 -51.11 -8.61
CA ILE A 292 3.55 -50.38 -7.91
C ILE A 292 4.18 -51.25 -6.83
N ASP A 293 3.37 -52.08 -6.16
CA ASP A 293 3.93 -52.95 -5.13
C ASP A 293 4.85 -54.00 -5.74
N GLU A 294 4.43 -54.61 -6.85
CA GLU A 294 5.32 -55.51 -7.59
C GLU A 294 6.63 -54.82 -7.93
N TYR A 295 6.55 -53.62 -8.51
CA TYR A 295 7.75 -52.90 -8.91
C TYR A 295 8.65 -52.62 -7.70
N CYS A 296 8.06 -52.33 -6.55
CA CYS A 296 8.77 -51.84 -5.38
C CYS A 296 9.50 -52.93 -4.59
N GLU A 297 9.78 -54.07 -5.19
CA GLU A 297 10.63 -55.07 -4.53
C GLU A 297 12.10 -54.83 -4.87
N ASP A 298 12.50 -53.57 -4.67
CA ASP A 298 13.80 -53.03 -5.06
C ASP A 298 14.61 -52.59 -3.83
N TYR A 303 11.00 -44.48 -2.03
CA TYR A 303 10.19 -43.57 -2.86
C TYR A 303 10.53 -43.63 -4.35
N LEU A 304 9.53 -43.92 -5.19
CA LEU A 304 9.73 -43.93 -6.64
C LEU A 304 9.86 -42.52 -7.19
N SER A 305 10.50 -42.42 -8.34
CA SER A 305 10.79 -41.15 -8.99
C SER A 305 10.06 -41.09 -10.33
N LEU A 306 10.12 -39.91 -10.95
CA LEU A 306 9.56 -39.73 -12.29
C LEU A 306 10.08 -40.81 -13.23
N PHE A 307 11.35 -41.19 -13.09
CA PHE A 307 11.94 -42.18 -13.97
C PHE A 307 11.28 -43.55 -13.76
N ASP A 308 11.02 -43.92 -12.50
CA ASP A 308 10.32 -45.17 -12.23
C ASP A 308 8.91 -45.14 -12.80
N TYR A 309 8.21 -44.01 -12.69
CA TYR A 309 6.86 -43.95 -13.24
C TYR A 309 6.90 -44.02 -14.76
N SER A 310 7.92 -43.42 -15.37
CA SER A 310 8.06 -43.49 -16.83
C SER A 310 8.17 -44.92 -17.30
N LYS A 311 8.95 -45.74 -16.58
CA LYS A 311 9.05 -47.16 -16.92
C LYS A 311 7.69 -47.84 -16.79
N LEU A 312 6.99 -47.60 -15.69
CA LEU A 312 5.68 -48.20 -15.47
C LEU A 312 4.68 -47.80 -16.56
N LEU A 313 4.78 -46.57 -17.07
CA LEU A 313 3.88 -46.16 -18.14
C LEU A 313 4.20 -46.89 -19.44
N LYS A 314 5.48 -47.19 -19.68
CA LYS A 314 5.84 -48.02 -20.82
C LYS A 314 5.30 -49.43 -20.65
N ALA A 315 5.51 -50.01 -19.46
CA ALA A 315 5.06 -51.37 -19.19
C ALA A 315 3.55 -51.52 -19.38
N THR A 316 2.79 -50.45 -19.16
CA THR A 316 1.35 -50.47 -19.27
C THR A 316 0.84 -49.83 -20.55
N LYS A 317 1.75 -49.46 -21.47
CA LYS A 317 1.39 -48.86 -22.76
C LYS A 317 0.61 -47.56 -22.60
N GLU A 318 0.91 -46.83 -21.53
CA GLU A 318 0.28 -45.52 -21.29
C GLU A 318 1.09 -44.46 -22.02
N PHE A 319 1.01 -44.51 -23.36
CA PHE A 319 1.97 -43.81 -24.19
C PHE A 319 1.68 -42.31 -24.30
N LYS A 320 0.41 -41.90 -24.32
CA LYS A 320 0.11 -40.48 -24.29
C LYS A 320 0.63 -39.86 -23.01
N LEU A 321 0.34 -40.48 -21.87
CA LEU A 321 0.77 -39.94 -20.60
C LEU A 321 2.29 -39.95 -20.49
N LYS A 322 2.95 -40.92 -21.12
CA LYS A 322 4.41 -40.94 -21.11
C LYS A 322 5.00 -39.73 -21.82
N ARG A 323 4.38 -39.31 -22.92
CA ARG A 323 4.84 -38.10 -23.60
C ARG A 323 4.45 -36.84 -22.85
N THR A 324 3.30 -36.86 -22.17
CA THR A 324 2.84 -35.66 -21.48
C THR A 324 3.85 -35.21 -20.42
N ILE A 325 4.43 -36.15 -19.68
CA ILE A 325 5.35 -35.78 -18.61
C ILE A 325 6.77 -35.59 -19.11
N ALA A 326 7.03 -35.76 -20.40
CA ALA A 326 8.40 -35.61 -20.89
C ALA A 326 8.99 -34.24 -20.61
N PRO A 327 8.28 -33.13 -20.81
CA PRO A 327 8.88 -31.82 -20.46
C PRO A 327 9.23 -31.70 -18.98
N ILE A 328 8.41 -32.28 -18.10
CA ILE A 328 8.74 -32.22 -16.67
C ILE A 328 9.97 -33.07 -16.39
N ILE A 329 10.13 -34.17 -17.11
CA ILE A 329 11.32 -35.00 -16.92
C ILE A 329 12.56 -34.26 -17.38
N ASP A 330 12.44 -33.44 -18.42
CA ASP A 330 13.59 -32.69 -18.93
C ASP A 330 14.14 -31.74 -17.88
N MET A 331 13.27 -31.01 -17.17
CA MET A 331 13.78 -30.10 -16.15
C MET A 331 14.24 -30.84 -14.91
N ASN A 332 14.69 -32.09 -15.05
CA ASN A 332 15.17 -32.83 -13.89
C ASN A 332 16.53 -32.32 -13.43
N SER A 333 17.39 -31.93 -14.39
CA SER A 333 18.71 -31.43 -14.05
C SER A 333 18.63 -30.13 -13.25
N SER A 334 17.76 -29.21 -13.68
CA SER A 334 17.58 -27.94 -12.97
C SER A 334 16.96 -28.16 -11.59
N ARG A 335 15.96 -29.04 -11.50
CA ARG A 335 15.41 -29.41 -10.19
C ARG A 335 16.50 -29.94 -9.27
N ASN A 336 17.49 -30.66 -9.83
CA ASN A 336 18.60 -31.17 -9.02
C ASN A 336 19.48 -30.04 -8.49
N LYS A 337 19.62 -28.94 -9.24
CA LYS A 337 20.41 -27.81 -8.78
C LYS A 337 19.76 -27.13 -7.59
N VAL A 338 18.42 -27.08 -7.56
CA VAL A 338 17.70 -26.44 -6.47
C VAL A 338 17.47 -27.40 -5.30
N ALA A 339 17.79 -28.69 -5.46
CA ALA A 339 17.51 -29.68 -4.44
C ALA A 339 18.75 -30.25 -3.75
N HIS A 340 19.93 -30.19 -4.39
CA HIS A 340 21.15 -30.70 -3.77
C HIS A 340 22.33 -29.76 -4.01
N SER A 341 22.08 -28.48 -4.25
CA SER A 341 23.14 -27.57 -4.66
C SER A 341 22.75 -26.14 -4.34
N LEU A 342 23.76 -25.25 -4.39
CA LEU A 342 23.55 -23.81 -4.38
C LEU A 342 23.95 -23.18 -5.70
N SER A 343 24.03 -23.97 -6.75
CA SER A 343 24.32 -23.43 -8.06
C SER A 343 23.06 -22.78 -8.64
N PRO A 344 23.21 -21.73 -9.44
CA PRO A 344 22.06 -20.99 -9.92
C PRO A 344 21.55 -21.50 -11.25
N LEU A 345 20.30 -21.15 -11.54
CA LEU A 345 19.66 -21.53 -12.80
C LEU A 345 19.94 -20.48 -13.87
N ASP A 346 20.05 -20.95 -15.11
CA ASP A 346 20.19 -20.05 -16.25
C ASP A 346 18.82 -19.61 -16.73
N SER A 347 18.79 -18.77 -17.77
CA SER A 347 17.52 -18.26 -18.28
C SER A 347 16.76 -19.33 -19.05
N ASP A 348 17.46 -20.31 -19.64
CA ASP A 348 16.78 -21.43 -20.28
C ASP A 348 16.04 -22.28 -19.26
N ALA A 349 16.73 -22.73 -18.23
CA ALA A 349 16.13 -23.42 -17.08
C ALA A 349 14.89 -22.69 -16.59
N VAL A 350 14.90 -21.37 -16.63
CA VAL A 350 13.73 -20.59 -16.25
C VAL A 350 12.58 -20.84 -17.23
N LYS A 351 12.85 -20.69 -18.54
CA LYS A 351 11.79 -20.80 -19.54
C LYS A 351 11.16 -22.19 -19.56
N GLN A 352 11.93 -23.22 -19.18
CA GLN A 352 11.36 -24.55 -18.96
C GLN A 352 10.14 -24.48 -18.05
N LEU A 353 10.26 -23.77 -16.93
CA LEU A 353 9.19 -23.70 -15.94
C LEU A 353 7.88 -23.28 -16.57
N GLY A 354 7.94 -22.37 -17.56
CA GLY A 354 6.72 -22.04 -18.29
C GLY A 354 6.18 -23.21 -19.07
N ILE A 355 7.07 -24.00 -19.69
CA ILE A 355 6.63 -25.16 -20.46
C ILE A 355 6.05 -26.22 -19.52
N ALA A 356 6.79 -26.58 -18.47
CA ALA A 356 6.28 -27.53 -17.48
C ALA A 356 4.96 -27.06 -16.90
N MET A 357 4.82 -25.75 -16.71
CA MET A 357 3.57 -25.19 -16.20
C MET A 357 2.41 -25.51 -17.12
N LYS A 358 2.51 -25.11 -18.39
CA LYS A 358 1.46 -25.42 -19.35
C LYS A 358 1.20 -26.92 -19.40
N THR A 359 2.24 -27.73 -19.18
CA THR A 359 2.09 -29.18 -19.18
C THR A 359 1.37 -29.66 -17.93
N LEU A 360 1.91 -29.33 -16.75
CA LEU A 360 1.24 -29.62 -15.49
C LEU A 360 -0.25 -29.30 -15.54
N LYS A 361 -0.61 -28.15 -16.10
CA LYS A 361 -2.01 -27.73 -16.09
C LYS A 361 -2.85 -28.62 -17.01
N THR A 362 -2.36 -28.89 -18.23
CA THR A 362 -3.10 -29.77 -19.13
C THR A 362 -3.20 -31.17 -18.56
N LEU A 363 -2.14 -31.63 -17.88
CA LEU A 363 -2.20 -32.88 -17.14
C LEU A 363 -3.37 -32.87 -16.16
N VAL A 364 -3.33 -31.99 -15.16
CA VAL A 364 -4.36 -32.00 -14.12
C VAL A 364 -5.73 -31.71 -14.71
N ARG A 365 -5.79 -30.81 -15.71
CA ARG A 365 -7.08 -30.56 -16.36
C ARG A 365 -7.61 -31.84 -17.00
N GLU A 366 -6.73 -32.65 -17.57
CA GLU A 366 -7.17 -33.85 -18.28
C GLU A 366 -7.55 -34.96 -17.31
N GLN A 367 -6.71 -35.20 -16.30
CA GLN A 367 -6.98 -36.31 -15.39
C GLN A 367 -8.11 -36.02 -14.43
N TYR A 368 -8.31 -34.76 -14.02
CA TYR A 368 -9.25 -34.46 -12.96
C TYR A 368 -10.35 -33.49 -13.37
N HIS A 369 -10.30 -32.94 -14.58
CA HIS A 369 -11.41 -32.15 -15.13
C HIS A 369 -11.68 -30.90 -14.31
N PHE A 370 -10.63 -30.29 -13.75
CA PHE A 370 -10.79 -29.01 -13.09
C PHE A 370 -11.26 -27.96 -14.09
N SER A 371 -12.22 -27.14 -13.68
CA SER A 371 -12.75 -26.10 -14.54
C SER A 371 -11.85 -24.87 -14.51
N GLN A 372 -12.07 -23.97 -15.48
CA GLN A 372 -11.43 -22.67 -15.41
C GLN A 372 -11.74 -22.00 -14.08
N SER A 373 -12.99 -22.16 -13.61
CA SER A 373 -13.39 -21.55 -12.35
C SER A 373 -12.63 -22.16 -11.17
N ASP A 374 -12.44 -23.48 -11.18
CA ASP A 374 -11.69 -24.13 -10.10
C ASP A 374 -10.27 -23.58 -10.01
N PHE A 375 -9.67 -23.25 -11.15
CA PHE A 375 -8.32 -22.73 -11.16
C PHE A 375 -8.25 -21.29 -10.67
N ASN A 376 -9.39 -20.61 -10.56
CA ASN A 376 -9.43 -19.20 -10.22
C ASN A 376 -9.69 -18.96 -8.75
N PHE A 377 -9.42 -19.95 -7.90
CA PHE A 377 -9.85 -19.84 -6.51
C PHE A 377 -9.36 -18.54 -5.87
N TYR A 378 -8.06 -18.27 -5.93
CA TYR A 378 -7.52 -17.14 -5.18
C TYR A 378 -7.97 -15.81 -5.78
N GLN A 379 -8.06 -15.72 -7.11
CA GLN A 379 -8.59 -14.51 -7.72
C GLN A 379 -10.00 -14.23 -7.23
N ASP A 380 -10.87 -15.25 -7.28
CA ASP A 380 -12.27 -15.05 -6.90
C ASP A 380 -12.40 -14.77 -5.41
N LEU A 381 -11.56 -15.41 -4.59
CA LEU A 381 -11.57 -15.09 -3.17
C LEU A 381 -11.16 -13.65 -2.94
N ASN A 382 -10.11 -13.19 -3.65
CA ASN A 382 -9.67 -11.82 -3.52
C ASN A 382 -10.80 -10.84 -3.81
N LYS A 383 -11.59 -11.11 -4.84
CA LYS A 383 -12.71 -10.24 -5.19
C LYS A 383 -13.60 -9.99 -3.98
N ILE A 384 -14.02 -11.06 -3.30
CA ILE A 384 -14.93 -10.91 -2.18
C ILE A 384 -14.24 -10.24 -1.01
N LEU A 385 -13.00 -10.65 -0.72
CA LEU A 385 -12.24 -10.03 0.36
C LEU A 385 -12.08 -8.55 0.14
N LEU A 386 -11.82 -8.13 -1.11
CA LEU A 386 -11.57 -6.71 -1.34
C LEU A 386 -12.81 -5.88 -1.11
N THR A 387 -13.97 -6.36 -1.58
CA THR A 387 -15.20 -5.61 -1.37
C THR A 387 -15.54 -5.50 0.11
N LYS A 388 -15.25 -6.55 0.89
CA LYS A 388 -15.49 -6.48 2.32
C LYS A 388 -14.55 -5.53 3.05
N LEU A 389 -13.50 -5.02 2.39
CA LEU A 389 -12.55 -4.10 3.01
C LEU A 389 -12.71 -2.68 2.47
N ASN A 390 -13.94 -2.26 2.21
CA ASN A 390 -14.28 -0.89 1.79
C ASN A 390 -13.55 -0.48 0.51
N ALA B 4 -27.69 3.46 -17.70
CA ALA B 4 -26.38 4.03 -17.32
C ALA B 4 -26.41 5.56 -17.37
N MET B 5 -26.51 6.19 -16.20
CA MET B 5 -26.88 7.59 -16.07
C MET B 5 -25.85 8.40 -15.28
N GLY B 6 -25.85 9.70 -15.55
CA GLY B 6 -24.88 10.61 -14.93
C GLY B 6 -25.42 11.10 -13.60
N VAL B 7 -24.58 11.03 -12.57
CA VAL B 7 -24.97 11.30 -11.19
C VAL B 7 -23.95 12.24 -10.57
N LEU B 8 -24.41 13.40 -10.11
CA LEU B 8 -23.57 14.36 -9.42
C LEU B 8 -23.78 14.21 -7.93
N ILE B 9 -22.69 14.01 -7.19
CA ILE B 9 -22.72 14.04 -5.73
C ILE B 9 -22.12 15.37 -5.29
N SER B 10 -22.83 16.11 -4.45
CA SER B 10 -22.37 17.42 -4.07
C SER B 10 -22.87 17.81 -2.69
N ALA B 11 -21.97 18.37 -1.89
CA ALA B 11 -22.38 19.07 -0.68
C ALA B 11 -22.88 20.47 -1.07
N VAL B 12 -23.28 21.25 -0.08
CA VAL B 12 -23.86 22.58 -0.31
C VAL B 12 -23.15 23.57 0.60
N GLY B 13 -22.58 24.63 0.02
CA GLY B 13 -21.88 25.64 0.76
C GLY B 13 -22.55 27.00 0.72
N ASP B 14 -21.90 27.97 1.36
CA ASP B 14 -22.44 29.32 1.42
C ASP B 14 -22.45 30.00 0.04
N THR B 15 -21.56 29.60 -0.86
CA THR B 15 -21.55 30.12 -2.23
C THR B 15 -22.66 29.54 -3.10
N ASP B 16 -23.26 28.40 -2.68
CA ASP B 16 -24.37 27.93 -3.51
C ASP B 16 -25.67 28.56 -3.02
N PRO B 17 -26.64 28.81 -3.91
CA PRO B 17 -26.66 28.52 -5.35
C PRO B 17 -25.91 29.53 -6.19
N PHE B 18 -25.96 30.82 -5.83
CA PHE B 18 -25.36 31.88 -6.63
C PHE B 18 -24.52 32.79 -5.77
N ARG B 19 -23.53 33.42 -6.40
CA ARG B 19 -22.68 34.37 -5.71
C ARG B 19 -21.99 35.25 -6.76
N ASN B 20 -21.97 36.56 -6.50
CA ASN B 20 -21.19 37.51 -7.30
C ASN B 20 -21.63 37.49 -8.76
N PHE B 21 -22.94 37.47 -8.99
CA PHE B 21 -23.54 37.46 -10.33
C PHE B 21 -23.10 36.26 -11.14
N HIS B 22 -22.87 35.13 -10.48
CA HIS B 22 -22.37 33.95 -11.16
C HIS B 22 -22.87 32.70 -10.45
N ASP B 23 -22.80 31.59 -11.18
CA ASP B 23 -23.06 30.28 -10.60
C ASP B 23 -22.13 30.03 -9.42
N GLY B 24 -22.67 29.38 -8.39
CA GLY B 24 -21.84 28.65 -7.46
C GLY B 24 -21.38 27.35 -8.11
N ALA B 25 -20.55 26.60 -7.37
CA ALA B 25 -20.00 25.38 -7.93
C ALA B 25 -21.08 24.38 -8.29
N LEU B 26 -22.07 24.20 -7.41
CA LEU B 26 -23.11 23.20 -7.65
C LEU B 26 -23.88 23.49 -8.93
N ILE B 27 -24.42 24.71 -9.04
CA ILE B 27 -25.16 25.09 -10.24
C ILE B 27 -24.28 25.03 -11.48
N HIS B 28 -23.04 25.52 -11.36
CA HIS B 28 -22.17 25.54 -12.55
C HIS B 28 -21.89 24.14 -13.06
N ILE B 29 -21.64 23.18 -12.16
CA ILE B 29 -21.41 21.81 -12.60
C ILE B 29 -22.67 21.23 -13.22
N ALA B 30 -23.82 21.46 -12.56
CA ALA B 30 -25.07 20.96 -13.11
C ALA B 30 -25.36 21.59 -14.47
N ARG B 31 -25.09 22.89 -14.62
CA ARG B 31 -25.36 23.57 -15.88
C ARG B 31 -24.51 23.01 -17.02
N LYS B 32 -23.24 22.71 -16.75
CA LYS B 32 -22.36 22.22 -17.82
C LYS B 32 -22.62 20.76 -18.14
N TYR B 33 -22.71 19.91 -17.12
CA TYR B 33 -22.67 18.47 -17.34
C TYR B 33 -24.06 17.83 -17.39
N ARG B 34 -25.09 18.53 -16.97
CA ARG B 34 -26.47 18.03 -16.96
C ARG B 34 -26.62 16.63 -16.40
N PRO B 35 -26.22 16.39 -15.15
CA PRO B 35 -26.46 15.08 -14.55
C PRO B 35 -27.95 14.81 -14.48
N GLU B 36 -28.33 13.57 -14.80
CA GLU B 36 -29.73 13.19 -14.65
C GLU B 36 -30.14 13.12 -13.19
N LYS B 37 -29.17 12.86 -12.28
CA LYS B 37 -29.44 12.79 -10.85
C LYS B 37 -28.44 13.68 -10.12
N VAL B 38 -28.92 14.34 -9.06
CA VAL B 38 -28.06 15.18 -8.22
C VAL B 38 -28.31 14.80 -6.78
N ILE B 39 -27.30 14.26 -6.11
CA ILE B 39 -27.40 13.88 -4.72
C ILE B 39 -26.84 15.03 -3.89
N LEU B 40 -27.67 15.60 -3.04
CA LEU B 40 -27.35 16.82 -2.30
C LEU B 40 -27.14 16.49 -0.83
N ILE B 41 -26.01 16.91 -0.27
CA ILE B 41 -25.69 16.65 1.14
C ILE B 41 -25.63 18.01 1.83
N PHE B 42 -26.67 18.32 2.60
CA PHE B 42 -26.73 19.56 3.33
C PHE B 42 -26.12 19.40 4.72
N SER B 43 -25.73 20.52 5.29
CA SER B 43 -25.50 20.59 6.73
C SER B 43 -26.68 21.33 7.36
N GLU B 44 -26.71 21.33 8.69
CA GLU B 44 -27.69 22.12 9.42
C GLU B 44 -27.75 23.54 8.88
N HIS B 45 -26.59 24.20 8.86
CA HIS B 45 -26.47 25.57 8.38
C HIS B 45 -27.07 25.74 6.98
N THR B 46 -26.71 24.86 6.05
CA THR B 46 -27.11 25.08 4.66
C THR B 46 -28.48 24.50 4.32
N ALA B 47 -29.04 23.62 5.17
CA ALA B 47 -30.37 23.11 4.91
C ALA B 47 -31.40 24.24 4.91
N LYS B 48 -31.09 25.34 5.60
CA LYS B 48 -31.96 26.51 5.65
C LYS B 48 -32.32 27.03 4.26
N LYS B 49 -31.46 26.83 3.26
CA LYS B 49 -31.69 27.33 1.92
C LYS B 49 -31.95 26.21 0.92
N GLN B 50 -32.47 25.09 1.41
CA GLN B 50 -32.79 23.97 0.53
C GLN B 50 -33.67 24.39 -0.64
N GLY B 51 -34.75 25.11 -0.35
CA GLY B 51 -35.68 25.49 -1.39
C GLY B 51 -35.03 26.32 -2.48
N ASN B 52 -34.16 27.26 -2.10
CA ASN B 52 -33.44 28.07 -3.09
C ASN B 52 -32.52 27.20 -3.92
N ILE B 53 -31.91 26.19 -3.29
CA ILE B 53 -31.03 25.28 -4.02
C ILE B 53 -31.81 24.54 -5.08
N GLU B 54 -32.98 24.00 -4.71
CA GLU B 54 -33.77 23.28 -5.71
C GLU B 54 -34.30 24.21 -6.79
N LYS B 55 -34.77 25.41 -6.41
CA LYS B 55 -35.22 26.36 -7.43
C LYS B 55 -34.11 26.70 -8.41
N ALA B 56 -32.90 26.94 -7.90
CA ALA B 56 -31.78 27.24 -8.77
C ALA B 56 -31.52 26.09 -9.73
N LEU B 57 -31.49 24.88 -9.22
CA LEU B 57 -31.19 23.72 -10.06
C LEU B 57 -32.20 23.60 -11.21
N PHE B 58 -33.48 23.80 -10.91
CA PHE B 58 -34.53 23.70 -11.92
C PHE B 58 -34.61 24.94 -12.80
N SER B 59 -33.96 26.03 -12.41
CA SER B 59 -33.90 27.25 -13.21
C SER B 59 -32.88 27.19 -14.34
N ILE B 60 -32.14 26.10 -14.49
CA ILE B 60 -31.07 26.06 -15.48
C ILE B 60 -31.66 26.04 -16.88
N ALA B 61 -32.61 25.13 -17.13
CA ALA B 61 -33.23 24.99 -18.44
C ALA B 61 -34.63 24.45 -18.23
N PRO B 62 -35.59 24.85 -19.08
CA PRO B 62 -36.96 24.41 -18.86
C PRO B 62 -37.17 22.93 -19.14
N ASN B 63 -36.38 22.36 -20.04
CA ASN B 63 -36.47 20.92 -20.34
C ASN B 63 -35.42 20.11 -19.61
N TYR B 64 -34.87 20.63 -18.52
CA TYR B 64 -33.86 19.93 -17.72
C TYR B 64 -34.40 19.83 -16.29
N GLU B 65 -34.87 18.65 -15.90
CA GLU B 65 -35.31 18.41 -14.53
C GLU B 65 -34.45 17.31 -13.92
N PRO B 66 -33.35 17.66 -13.25
CA PRO B 66 -32.56 16.64 -12.55
C PRO B 66 -33.39 16.01 -11.44
N GLU B 67 -33.17 14.71 -11.23
CA GLU B 67 -33.75 14.04 -10.06
C GLU B 67 -32.93 14.41 -8.83
N LEU B 68 -33.57 15.06 -7.86
CA LEU B 68 -32.88 15.59 -6.70
C LEU B 68 -33.05 14.64 -5.52
N ILE B 69 -31.93 14.14 -4.99
CA ILE B 69 -31.90 13.27 -3.83
C ILE B 69 -31.38 14.09 -2.67
N ILE B 70 -32.21 14.30 -1.65
CA ILE B 70 -31.81 15.04 -0.46
C ILE B 70 -31.28 14.02 0.54
N HIS B 71 -29.97 14.01 0.75
CA HIS B 71 -29.38 12.95 1.54
C HIS B 71 -29.82 13.06 2.98
N ASP B 72 -30.06 11.91 3.61
CA ASP B 72 -30.45 11.84 5.01
C ASP B 72 -29.48 10.90 5.72
N PRO B 73 -28.89 11.28 6.85
CA PRO B 73 -29.06 12.53 7.61
C PRO B 73 -28.15 13.66 7.16
N ILE B 74 -28.56 14.90 7.39
CA ILE B 74 -27.74 16.06 7.07
C ILE B 74 -26.60 16.12 8.06
N ILE B 75 -25.58 16.91 7.77
CA ILE B 75 -24.37 16.95 8.59
C ILE B 75 -24.52 18.01 9.67
N SER B 76 -24.21 17.65 10.91
CA SER B 76 -24.18 18.64 11.99
C SER B 76 -23.10 19.68 11.72
N ASP B 77 -23.46 20.95 11.91
CA ASP B 77 -22.47 22.01 11.80
C ASP B 77 -21.29 21.80 12.74
N ASN B 78 -21.50 21.09 13.85
CA ASN B 78 -20.43 20.93 14.82
C ASN B 78 -19.48 19.78 14.48
N GLU B 79 -19.72 19.06 13.38
CA GLU B 79 -18.74 18.16 12.80
C GLU B 79 -18.25 18.58 11.42
N VAL B 80 -18.96 19.49 10.75
CA VAL B 80 -18.71 19.79 9.36
C VAL B 80 -17.33 20.36 9.12
N HIS B 81 -16.60 20.74 10.17
CA HIS B 81 -15.32 21.42 10.04
C HIS B 81 -14.13 20.58 10.47
N ILE B 82 -14.31 19.32 10.85
CA ILE B 82 -13.22 18.48 11.34
C ILE B 82 -12.79 17.52 10.25
N PHE B 83 -11.49 17.46 9.97
CA PHE B 83 -10.97 16.70 8.84
C PHE B 83 -11.34 15.22 8.94
N ASP B 84 -10.91 14.56 10.02
CA ASP B 84 -11.10 13.12 10.12
C ASP B 84 -12.57 12.73 10.10
N VAL B 85 -13.41 13.46 10.82
CA VAL B 85 -14.84 13.14 10.88
C VAL B 85 -15.45 13.24 9.49
N MET B 86 -15.10 14.30 8.76
CA MET B 86 -15.71 14.53 7.47
C MET B 86 -15.19 13.53 6.46
N PHE B 87 -13.95 13.05 6.66
CA PHE B 87 -13.42 11.97 5.84
C PHE B 87 -14.24 10.71 6.01
N GLN B 88 -14.47 10.30 7.25
CA GLN B 88 -15.31 9.13 7.47
C GLN B 88 -16.71 9.35 6.90
N ARG B 89 -17.30 10.53 7.16
CA ARG B 89 -18.67 10.76 6.74
C ARG B 89 -18.82 10.63 5.23
N PHE B 90 -17.95 11.27 4.46
CA PHE B 90 -18.12 11.20 3.01
C PHE B 90 -17.58 9.91 2.43
N SER B 91 -16.69 9.22 3.14
CA SER B 91 -16.36 7.86 2.77
C SER B 91 -17.61 6.98 2.82
N ASP B 92 -18.39 7.11 3.90
CA ASP B 92 -19.66 6.37 4.01
C ASP B 92 -20.64 6.79 2.94
N ILE B 93 -20.75 8.10 2.69
CA ILE B 93 -21.72 8.59 1.71
C ILE B 93 -21.42 8.02 0.33
N LEU B 94 -20.15 8.06 -0.08
CA LEU B 94 -19.82 7.56 -1.41
C LEU B 94 -20.07 6.06 -1.53
N GLN B 95 -19.80 5.30 -0.46
CA GLN B 95 -20.13 3.88 -0.51
C GLN B 95 -21.63 3.68 -0.63
N GLU B 96 -22.43 4.58 -0.04
CA GLU B 96 -23.87 4.38 -0.03
C GLU B 96 -24.45 4.54 -1.43
N TYR B 97 -23.91 5.45 -2.24
CA TYR B 97 -24.52 5.81 -3.51
C TYR B 97 -23.83 5.23 -4.74
N TYR B 98 -22.58 4.79 -4.61
CA TYR B 98 -21.83 4.39 -5.78
C TYR B 98 -22.37 3.10 -6.38
N THR B 99 -22.50 3.10 -7.71
CA THR B 99 -22.74 1.89 -8.48
C THR B 99 -21.69 1.81 -9.57
N LYS B 100 -21.46 0.60 -10.08
CA LYS B 100 -20.53 0.47 -11.20
C LYS B 100 -21.16 0.87 -12.51
N GLU B 101 -22.49 0.81 -12.61
CA GLU B 101 -23.18 1.05 -13.87
C GLU B 101 -23.29 2.54 -14.22
N ASP B 102 -23.47 3.40 -13.22
CA ASP B 102 -23.68 4.82 -13.52
C ASP B 102 -22.33 5.51 -13.73
N GLU B 103 -22.39 6.81 -14.05
CA GLU B 103 -21.18 7.63 -14.19
C GLU B 103 -21.31 8.81 -13.24
N PHE B 104 -20.45 8.84 -12.23
CA PHE B 104 -20.60 9.79 -11.14
C PHE B 104 -19.73 11.02 -11.36
N ILE B 105 -20.12 12.11 -10.71
CA ILE B 105 -19.37 13.36 -10.70
C ILE B 105 -19.29 13.83 -9.25
N LEU B 106 -18.10 14.27 -8.85
CA LEU B 106 -17.87 14.82 -7.52
C LEU B 106 -17.66 16.32 -7.66
N ASN B 107 -18.38 17.08 -6.85
CA ASN B 107 -18.23 18.52 -6.76
C ASN B 107 -17.19 18.80 -5.69
N LEU B 108 -15.99 19.20 -6.13
CA LEU B 108 -14.87 19.47 -5.25
C LEU B 108 -14.84 20.89 -4.73
N SER B 109 -15.89 21.68 -4.98
CA SER B 109 -15.83 23.11 -4.67
C SER B 109 -17.00 23.61 -3.84
N SER B 110 -17.74 22.72 -3.17
CA SER B 110 -18.84 23.14 -2.30
C SER B 110 -18.65 22.58 -0.90
N ALA B 111 -18.81 23.45 0.10
CA ALA B 111 -18.85 23.17 1.53
C ALA B 111 -17.47 23.38 2.16
N THR B 112 -17.27 22.84 3.35
CA THR B 112 -16.07 23.14 4.13
C THR B 112 -14.83 22.53 3.46
N PRO B 113 -13.64 23.04 3.79
CA PRO B 113 -12.42 22.42 3.25
C PRO B 113 -12.32 20.95 3.59
N GLN B 114 -12.75 20.55 4.79
CA GLN B 114 -12.70 19.14 5.15
C GLN B 114 -13.59 18.29 4.25
N ILE B 115 -14.71 18.84 3.76
CA ILE B 115 -15.57 18.04 2.90
C ILE B 115 -14.97 17.94 1.50
N LYS B 116 -14.49 19.06 0.97
CA LYS B 116 -13.86 19.05 -0.35
C LYS B 116 -12.60 18.20 -0.34
N SER B 117 -11.84 18.22 0.76
CA SER B 117 -10.68 17.36 0.85
C SER B 117 -11.08 15.89 0.84
N ALA B 118 -12.08 15.54 1.66
CA ALA B 118 -12.57 14.16 1.69
C ALA B 118 -12.95 13.68 0.29
N LEU B 119 -13.67 14.51 -0.46
CA LEU B 119 -14.09 14.08 -1.80
C LEU B 119 -12.89 13.91 -2.72
N PHE B 120 -11.93 14.84 -2.68
CA PHE B 120 -10.76 14.72 -3.54
C PHE B 120 -9.99 13.45 -3.21
N VAL B 121 -9.91 13.11 -1.93
CA VAL B 121 -9.04 12.04 -1.49
C VAL B 121 -9.68 10.68 -1.75
N ILE B 122 -10.91 10.49 -1.27
CA ILE B 122 -11.56 9.19 -1.36
C ILE B 122 -11.66 8.73 -2.81
N ASN B 123 -11.84 9.67 -3.73
CA ASN B 123 -12.01 9.31 -5.14
C ASN B 123 -10.84 8.47 -5.62
N ARG B 124 -9.62 8.79 -5.16
CA ARG B 124 -8.45 8.02 -5.56
C ARG B 124 -8.05 6.97 -4.54
N LEU B 125 -8.12 7.29 -3.26
CA LEU B 125 -7.77 6.31 -2.23
C LEU B 125 -8.56 5.02 -2.39
N ASN B 126 -9.83 5.13 -2.76
CA ASN B 126 -10.70 3.96 -2.80
C ASN B 126 -10.93 3.46 -4.23
N GLY B 127 -10.22 4.00 -5.20
CA GLY B 127 -10.15 3.38 -6.51
C GLY B 127 -11.34 3.58 -7.41
N ILE B 128 -12.35 4.36 -7.00
CA ILE B 128 -13.49 4.56 -7.89
C ILE B 128 -13.11 5.47 -9.05
N ASN B 129 -12.24 6.46 -8.81
CA ASN B 129 -11.71 7.32 -9.87
C ASN B 129 -12.80 7.84 -10.81
N VAL B 130 -13.82 8.45 -10.24
CA VAL B 130 -14.89 9.03 -11.05
C VAL B 130 -14.49 10.45 -11.41
N LYS B 131 -15.33 11.13 -12.20
CA LYS B 131 -15.07 12.52 -12.57
C LYS B 131 -15.18 13.42 -11.34
N ALA B 132 -14.17 14.26 -11.14
CA ALA B 132 -14.14 15.17 -10.01
C ALA B 132 -13.83 16.57 -10.54
N VAL B 133 -14.63 17.55 -10.15
CA VAL B 133 -14.64 18.84 -10.82
C VAL B 133 -14.49 19.95 -9.79
N GLN B 134 -13.53 20.84 -10.01
CA GLN B 134 -13.46 22.11 -9.32
C GLN B 134 -14.10 23.19 -10.19
N VAL B 135 -14.71 24.18 -9.54
CA VAL B 135 -15.26 25.34 -10.23
C VAL B 135 -14.53 26.57 -9.73
N SER B 136 -13.92 27.31 -10.63
CA SER B 136 -13.08 28.43 -10.25
C SER B 136 -13.94 29.67 -10.00
N SER B 137 -13.59 30.42 -8.97
CA SER B 137 -14.25 31.68 -8.68
C SER B 137 -14.23 32.58 -9.91
N PRO B 138 -15.30 33.33 -10.18
CA PRO B 138 -15.27 34.25 -11.34
C PRO B 138 -14.29 35.38 -11.16
N GLU B 139 -13.81 35.59 -9.92
CA GLU B 139 -12.73 36.54 -9.69
C GLU B 139 -11.38 36.00 -10.17
N HIS B 140 -11.26 34.68 -10.35
CA HIS B 140 -9.99 34.04 -10.69
C HIS B 140 -8.88 34.55 -9.78
N ALA B 141 -9.20 34.62 -8.48
CA ALA B 141 -8.38 35.21 -7.44
C ALA B 141 -9.08 34.99 -6.10
N SER B 142 -8.49 35.49 -5.02
CA SER B 142 -9.13 35.37 -3.72
C SER B 142 -10.49 36.04 -3.72
N ASN B 143 -11.49 35.36 -3.14
CA ASN B 143 -12.80 35.99 -2.94
C ASN B 143 -12.85 36.90 -1.72
N GLU B 144 -11.69 37.32 -1.21
CA GLU B 144 -11.65 38.35 -0.19
C GLU B 144 -12.43 39.57 -0.68
N ASN B 145 -13.24 40.13 0.21
CA ASN B 145 -14.08 41.32 -0.02
C ASN B 145 -15.30 41.04 -0.89
N ILE B 146 -15.60 39.78 -1.20
CA ILE B 146 -16.83 39.42 -1.91
C ILE B 146 -17.81 38.83 -0.90
N GLY B 147 -19.03 39.36 -0.88
CA GLY B 147 -20.03 38.90 0.06
C GLY B 147 -20.82 37.70 -0.45
N HIS B 148 -21.69 37.19 0.42
CA HIS B 148 -22.53 36.05 0.11
C HIS B 148 -23.97 36.50 -0.13
N ASP B 149 -24.57 35.98 -1.21
CA ASP B 149 -25.87 36.41 -1.68
C ASP B 149 -27.02 35.59 -1.11
N ASN B 150 -26.86 34.99 0.06
CA ASN B 150 -27.90 34.09 0.53
C ASN B 150 -29.10 34.84 1.09
N ASP B 151 -28.94 36.12 1.38
CA ASP B 151 -30.01 36.92 1.93
C ASP B 151 -30.72 37.74 0.86
N GLU B 152 -30.39 37.50 -0.41
CA GLU B 152 -30.90 38.24 -1.55
C GLU B 152 -32.12 37.52 -2.12
N ASN B 153 -32.73 38.12 -3.13
CA ASN B 153 -33.91 37.51 -3.74
C ASN B 153 -33.49 36.44 -4.72
N ILE B 154 -34.00 35.23 -4.53
CA ILE B 154 -33.56 34.10 -5.34
C ILE B 154 -33.94 34.32 -6.81
N ASP B 155 -35.12 34.90 -7.04
CA ASP B 155 -35.53 35.15 -8.42
C ASP B 155 -34.70 36.27 -9.04
N GLU B 156 -34.38 37.30 -8.25
CA GLU B 156 -33.46 38.32 -8.71
C GLU B 156 -32.12 37.69 -9.10
N LEU B 157 -31.52 36.94 -8.18
CA LEU B 157 -30.27 36.24 -8.44
C LEU B 157 -30.34 35.44 -9.73
N ILE B 158 -31.41 34.65 -9.89
CA ILE B 158 -31.52 33.81 -11.08
C ILE B 158 -31.50 34.67 -12.33
N GLU B 159 -32.18 35.83 -12.29
CA GLU B 159 -32.30 36.61 -13.50
C GLU B 159 -31.01 37.38 -13.82
N VAL B 160 -30.39 38.01 -12.81
CA VAL B 160 -29.17 38.78 -13.05
C VAL B 160 -27.93 37.91 -13.12
N ASN B 161 -28.06 36.59 -13.00
CA ASN B 161 -26.91 35.70 -13.01
C ASN B 161 -26.24 35.74 -14.39
N LYS B 162 -25.00 36.21 -14.43
CA LYS B 162 -24.28 36.32 -15.70
C LYS B 162 -24.14 34.98 -16.41
N ASP B 163 -24.37 33.88 -15.71
CA ASP B 163 -24.19 32.56 -16.30
C ASP B 163 -25.47 32.03 -16.93
N ASN B 164 -26.60 32.69 -16.67
CA ASN B 164 -27.91 32.35 -17.19
C ASN B 164 -27.98 32.53 -18.71
N LYS B 165 -27.31 31.65 -19.46
CA LYS B 165 -27.20 31.80 -20.90
C LYS B 165 -26.69 30.49 -21.48
N VAL B 166 -26.92 30.32 -22.79
CA VAL B 166 -26.51 29.09 -23.45
C VAL B 166 -24.99 29.03 -23.54
N ASN B 167 -24.36 30.10 -23.99
CA ASN B 167 -22.91 30.17 -24.08
C ASN B 167 -22.35 30.93 -22.89
N PHE B 168 -22.38 30.26 -21.73
CA PHE B 168 -21.78 30.77 -20.52
C PHE B 168 -20.27 30.53 -20.52
N ILE B 169 -19.57 31.26 -19.65
CA ILE B 169 -18.14 31.04 -19.43
C ILE B 169 -17.94 29.79 -18.58
N ASP B 170 -17.30 28.77 -19.16
CA ASP B 170 -16.99 27.53 -18.45
C ASP B 170 -15.88 27.77 -17.45
N ARG B 171 -16.21 27.76 -16.15
CA ARG B 171 -15.23 27.92 -15.08
C ARG B 171 -14.87 26.60 -14.40
N THR B 172 -15.24 25.47 -15.00
CA THR B 172 -14.95 24.18 -14.39
C THR B 172 -13.54 23.74 -14.74
N ILE B 173 -12.92 23.02 -13.80
CA ILE B 173 -11.60 22.44 -13.97
C ILE B 173 -11.72 20.97 -13.56
N GLU B 174 -11.35 20.07 -14.44
CA GLU B 174 -11.43 18.65 -14.16
C GLU B 174 -10.16 18.18 -13.48
N ASP B 175 -10.32 17.53 -12.33
CA ASP B 175 -9.18 16.99 -11.61
C ASP B 175 -8.89 15.57 -12.10
N ASN B 176 -7.66 15.35 -12.52
CA ASN B 176 -7.21 14.01 -12.83
C ASN B 176 -6.18 13.47 -11.85
N ALA B 177 -5.81 14.27 -10.84
CA ALA B 177 -5.07 13.76 -9.68
C ALA B 177 -3.82 12.99 -10.11
N GLU B 178 -3.13 13.50 -11.13
CA GLU B 178 -1.98 12.77 -11.66
C GLU B 178 -0.90 12.60 -10.59
N LYS B 179 -0.54 13.69 -9.91
CA LYS B 179 0.49 13.59 -8.87
C LYS B 179 0.00 12.77 -7.68
N PHE B 180 -1.23 13.01 -7.22
CA PHE B 180 -1.74 12.28 -6.05
C PHE B 180 -1.82 10.79 -6.33
N SER B 181 -2.21 10.41 -7.55
CA SER B 181 -2.26 9.00 -7.92
C SER B 181 -0.88 8.38 -7.88
N GLN B 182 0.15 9.12 -8.32
CA GLN B 182 1.52 8.63 -8.25
C GLN B 182 1.94 8.40 -6.80
N ALA B 183 1.59 9.33 -5.90
CA ALA B 183 1.95 9.19 -4.49
C ALA B 183 1.35 7.94 -3.89
N LEU B 184 0.11 7.60 -4.27
CA LEU B 184 -0.52 6.39 -3.77
C LEU B 184 0.17 5.15 -4.31
N LEU B 185 0.63 5.19 -5.56
CA LEU B 185 1.40 4.07 -6.09
C LEU B 185 2.73 3.93 -5.38
N LYS B 186 3.41 5.04 -5.15
CA LYS B 186 4.66 4.99 -4.41
C LYS B 186 4.44 4.41 -3.02
N LYS B 187 3.36 4.84 -2.35
CA LYS B 187 3.05 4.28 -1.03
C LYS B 187 2.86 2.76 -1.11
N THR B 188 2.17 2.28 -2.13
CA THR B 188 2.02 0.83 -2.30
C THR B 188 3.37 0.15 -2.50
N ALA B 189 4.23 0.74 -3.34
CA ALA B 189 5.57 0.18 -3.56
C ALA B 189 6.37 0.17 -2.27
N ARG B 190 6.30 1.25 -1.49
CA ARG B 190 6.94 1.26 -0.19
C ARG B 190 6.41 0.13 0.69
N ASP B 191 5.09 -0.02 0.72
CA ASP B 191 4.49 -1.03 1.59
C ASP B 191 4.96 -2.43 1.21
N PHE B 192 5.12 -2.68 -0.11
CA PHE B 192 5.62 -3.97 -0.57
C PHE B 192 7.06 -4.18 -0.14
N ILE B 193 7.88 -3.15 -0.27
CA ILE B 193 9.30 -3.28 0.04
C ILE B 193 9.48 -3.62 1.52
N GLU B 194 8.76 -2.92 2.41
CA GLU B 194 8.91 -3.23 3.84
C GLU B 194 8.62 -4.69 4.15
N LYS B 195 7.78 -5.34 3.34
CA LYS B 195 7.40 -6.73 3.55
C LYS B 195 8.10 -7.68 2.59
N PHE B 196 9.14 -7.20 1.89
CA PHE B 196 10.05 -8.03 1.10
C PHE B 196 9.40 -8.62 -0.14
N ASP B 197 8.29 -8.07 -0.63
CA ASP B 197 7.73 -8.46 -1.92
CA ASP B 197 7.75 -8.48 -1.94
C ASP B 197 8.38 -7.60 -3.01
N TYR B 198 9.64 -7.90 -3.31
CA TYR B 198 10.34 -7.08 -4.28
C TYR B 198 9.71 -7.20 -5.67
N LYS B 199 9.20 -8.38 -6.03
CA LYS B 199 8.57 -8.55 -7.33
C LYS B 199 7.34 -7.66 -7.46
N ALA B 200 6.46 -7.66 -6.46
CA ALA B 200 5.28 -6.80 -6.52
C ALA B 200 5.67 -5.33 -6.52
N ALA B 201 6.69 -4.97 -5.73
CA ALA B 201 7.18 -3.58 -5.76
C ALA B 201 7.69 -3.21 -7.14
N LEU B 202 8.43 -4.12 -7.79
CA LEU B 202 8.97 -3.84 -9.11
C LEU B 202 7.87 -3.56 -10.11
N ASP B 203 6.77 -4.31 -10.02
CA ASP B 203 5.67 -4.15 -10.96
C ASP B 203 5.03 -2.77 -10.84
N ILE B 204 4.97 -2.22 -9.61
CA ILE B 204 4.50 -0.85 -9.44
C ILE B 204 5.49 0.14 -10.04
N LEU B 205 6.78 -0.01 -9.72
CA LEU B 205 7.79 0.95 -10.17
C LEU B 205 7.90 0.97 -11.68
N ASP B 206 7.64 -0.15 -12.34
CA ASP B 206 7.64 -0.18 -13.80
C ASP B 206 6.49 0.65 -14.38
N GLN B 207 5.50 1.00 -13.56
CA GLN B 207 4.33 1.76 -14.00
C GLN B 207 4.36 3.22 -13.53
N LEU B 208 5.46 3.67 -12.93
CA LEU B 208 5.52 5.02 -12.39
C LEU B 208 6.07 6.01 -13.40
N SER B 209 5.50 7.21 -13.41
CA SER B 209 6.10 8.31 -14.14
C SER B 209 7.51 8.53 -13.63
N ASP B 210 8.42 8.83 -14.53
CA ASP B 210 9.82 8.92 -14.15
C ASP B 210 10.07 10.16 -13.28
N PHE B 211 10.84 9.96 -12.22
CA PHE B 211 11.37 10.99 -11.34
C PHE B 211 12.83 10.62 -11.12
N PRO B 212 13.67 11.50 -10.59
CA PRO B 212 15.13 11.22 -10.61
C PRO B 212 15.55 9.86 -10.08
N ASN B 213 15.14 9.49 -8.87
CA ASN B 213 15.64 8.26 -8.25
C ASN B 213 15.06 6.99 -8.87
N LEU B 214 13.98 7.09 -9.64
CA LEU B 214 13.24 5.90 -10.06
C LEU B 214 14.12 4.84 -10.71
N LYS B 215 14.92 5.24 -11.70
CA LYS B 215 15.72 4.26 -12.42
C LYS B 215 16.72 3.57 -11.49
N SER B 216 17.31 4.33 -10.56
CA SER B 216 18.19 3.71 -9.58
C SER B 216 17.43 2.68 -8.74
N VAL B 217 16.30 3.08 -8.16
CA VAL B 217 15.53 2.18 -7.31
C VAL B 217 15.06 0.97 -8.11
N ARG B 218 14.67 1.20 -9.36
CA ARG B 218 14.21 0.10 -10.20
C ARG B 218 15.32 -0.92 -10.41
N GLU B 219 16.52 -0.46 -10.77
CA GLU B 219 17.62 -1.39 -11.06
C GLU B 219 18.02 -2.18 -9.82
N GLU B 220 18.03 -1.52 -8.65
CA GLU B 220 18.37 -2.19 -7.41
C GLU B 220 17.45 -3.38 -7.16
N ILE B 221 16.14 -3.15 -7.28
CA ILE B 221 15.16 -4.20 -7.00
C ILE B 221 15.16 -5.25 -8.11
N ARG B 222 15.29 -4.82 -9.37
CA ARG B 222 15.32 -5.79 -10.46
C ARG B 222 16.43 -6.81 -10.25
N ASP B 223 17.62 -6.34 -9.84
CA ASP B 223 18.70 -7.27 -9.58
C ASP B 223 18.32 -8.27 -8.50
N VAL B 224 17.66 -7.80 -7.45
CA VAL B 224 17.29 -8.71 -6.37
C VAL B 224 16.29 -9.75 -6.88
N VAL B 225 15.20 -9.29 -7.50
CA VAL B 225 14.18 -10.20 -8.01
C VAL B 225 14.78 -11.21 -8.97
N ASN B 226 15.62 -10.75 -9.88
CA ASN B 226 16.12 -11.62 -10.93
C ASN B 226 17.09 -12.65 -10.37
N CYS B 227 18.07 -12.21 -9.57
CA CYS B 227 19.02 -13.16 -8.99
C CYS B 227 18.32 -14.14 -8.07
N LEU B 228 17.39 -13.67 -7.25
CA LEU B 228 16.72 -14.57 -6.32
C LEU B 228 15.91 -15.62 -7.06
N SER B 229 15.26 -15.24 -8.16
CA SER B 229 14.46 -16.20 -8.91
C SER B 229 15.33 -17.29 -9.54
N LYS B 230 16.58 -16.97 -9.87
CA LYS B 230 17.50 -17.97 -10.42
C LYS B 230 18.38 -18.61 -9.35
N GLN B 231 18.03 -18.45 -8.07
CA GLN B 231 18.86 -18.91 -6.94
C GLN B 231 20.31 -18.45 -7.09
N ASP B 232 20.50 -17.26 -7.65
CA ASP B 232 21.79 -16.60 -7.75
C ASP B 232 22.00 -15.67 -6.55
N VAL B 233 23.13 -14.98 -6.52
CA VAL B 233 23.47 -14.05 -5.44
C VAL B 233 23.27 -12.64 -5.95
N PRO B 234 22.39 -11.84 -5.36
CA PRO B 234 22.27 -10.44 -5.78
C PRO B 234 23.61 -9.72 -5.68
N LYS B 235 23.83 -8.79 -6.61
CA LYS B 235 25.11 -8.08 -6.66
C LYS B 235 25.45 -7.46 -5.31
N GLY B 236 24.44 -6.93 -4.61
CA GLY B 236 24.69 -6.32 -3.32
C GLY B 236 25.21 -7.26 -2.25
N LEU B 237 25.06 -8.57 -2.44
CA LEU B 237 25.56 -9.53 -1.46
C LEU B 237 26.88 -10.15 -1.88
N ARG B 238 27.45 -9.73 -3.01
CA ARG B 238 28.76 -10.24 -3.44
C ARG B 238 29.87 -9.40 -2.82
N HIS B 239 29.91 -9.42 -1.48
CA HIS B 239 30.88 -8.63 -0.74
C HIS B 239 32.30 -9.06 -1.10
N LYS B 240 33.14 -8.08 -1.47
CA LYS B 240 34.52 -8.40 -1.81
C LYS B 240 35.28 -9.01 -0.63
N LYS B 241 34.82 -8.78 0.61
CA LYS B 241 35.48 -9.41 1.75
C LYS B 241 35.17 -10.90 1.84
N LEU B 242 34.25 -11.41 1.03
CA LEU B 242 33.79 -12.78 1.13
C LEU B 242 34.29 -13.60 -0.05
N LYS B 243 34.76 -14.81 0.25
CA LYS B 243 34.99 -15.80 -0.80
C LYS B 243 33.67 -16.10 -1.51
N GLU B 244 33.78 -16.47 -2.79
CA GLU B 244 32.58 -16.75 -3.58
C GLU B 244 31.60 -17.65 -2.84
N GLU B 245 32.09 -18.75 -2.25
CA GLU B 245 31.17 -19.68 -1.62
C GLU B 245 30.64 -19.14 -0.30
N GLU B 246 31.37 -18.23 0.34
CA GLU B 246 30.81 -17.55 1.50
C GLU B 246 29.67 -16.62 1.09
N GLN B 247 29.73 -16.04 -0.11
CA GLN B 247 28.60 -15.23 -0.58
C GLN B 247 27.39 -16.09 -0.89
N LYS B 248 27.61 -17.24 -1.54
CA LYS B 248 26.52 -18.20 -1.74
C LYS B 248 25.89 -18.59 -0.43
N ILE B 249 26.71 -18.81 0.60
CA ILE B 249 26.18 -19.27 1.88
C ILE B 249 25.39 -18.16 2.57
N LEU B 250 25.95 -16.95 2.62
CA LEU B 250 25.25 -15.85 3.27
C LEU B 250 23.93 -15.55 2.55
N SER B 251 23.94 -15.59 1.22
CA SER B 251 22.74 -15.26 0.49
C SER B 251 21.66 -16.31 0.68
N ALA B 252 22.03 -17.59 0.57
CA ALA B 252 21.04 -18.65 0.73
C ALA B 252 20.46 -18.69 2.13
N TYR B 253 21.27 -18.36 3.15
CA TYR B 253 20.73 -18.24 4.49
C TYR B 253 19.70 -17.12 4.59
N LEU B 254 20.04 -15.94 4.06
CA LEU B 254 19.12 -14.79 4.13
C LEU B 254 17.85 -15.05 3.32
N THR B 255 17.97 -15.83 2.24
CA THR B 255 16.78 -16.21 1.50
C THR B 255 15.85 -17.07 2.34
N ILE B 256 16.41 -17.98 3.13
CA ILE B 256 15.59 -18.79 4.03
C ILE B 256 14.87 -17.89 5.03
N GLU B 257 15.58 -16.91 5.58
CA GLU B 257 14.95 -15.92 6.47
C GLU B 257 13.81 -15.19 5.77
N LEU B 258 14.00 -14.83 4.50
CA LEU B 258 12.95 -14.13 3.76
C LEU B 258 11.71 -14.99 3.63
N GLN B 259 11.88 -16.29 3.39
CA GLN B 259 10.72 -17.16 3.23
C GLN B 259 9.97 -17.33 4.56
N ARG B 260 10.70 -17.38 5.67
CA ARG B 260 10.03 -17.46 6.97
C ARG B 260 9.21 -16.20 7.25
N GLU B 261 9.75 -15.03 6.90
CA GLU B 261 9.00 -13.78 7.04
C GLU B 261 7.71 -13.81 6.23
N ARG B 262 7.82 -14.21 4.96
CA ARG B 262 6.65 -14.24 4.06
C ARG B 262 5.69 -15.40 4.37
N GLY B 263 5.90 -16.15 5.46
CA GLY B 263 5.04 -17.24 5.84
C GLY B 263 5.32 -18.57 5.17
N ASN B 264 6.11 -18.58 4.11
CA ASN B 264 6.40 -19.77 3.33
C ASN B 264 7.33 -20.76 4.05
N VAL B 265 6.89 -21.32 5.18
CA VAL B 265 7.74 -22.25 5.93
C VAL B 265 7.95 -23.54 5.15
N SER B 266 6.93 -23.98 4.41
CA SER B 266 7.00 -25.24 3.68
C SER B 266 8.27 -25.33 2.82
N GLU B 267 8.63 -24.24 2.15
CA GLU B 267 9.82 -24.24 1.28
C GLU B 267 11.10 -24.51 2.07
N SER B 268 11.20 -23.95 3.28
CA SER B 268 12.49 -23.79 3.95
C SER B 268 13.18 -25.11 4.28
N PHE B 269 12.45 -26.22 4.40
CA PHE B 269 13.10 -27.46 4.80
C PHE B 269 14.06 -27.96 3.73
N ILE B 270 13.71 -27.82 2.44
CA ILE B 270 14.65 -28.25 1.40
C ILE B 270 15.80 -27.25 1.29
N ARG B 271 15.53 -25.98 1.55
CA ARG B 271 16.59 -24.97 1.52
C ARG B 271 17.60 -25.20 2.63
N ILE B 272 17.12 -25.57 3.82
CA ILE B 272 18.01 -25.77 4.96
C ILE B 272 18.90 -26.99 4.73
N LYS B 273 18.37 -28.03 4.08
CA LYS B 273 19.17 -29.21 3.82
C LYS B 273 20.32 -28.89 2.88
N ASN B 274 20.02 -28.23 1.76
CA ASN B 274 21.07 -27.90 0.79
C ASN B 274 22.10 -26.96 1.39
N LEU B 275 21.65 -25.94 2.13
CA LEU B 275 22.60 -25.03 2.73
C LEU B 275 23.48 -25.76 3.74
N THR B 276 22.90 -26.66 4.53
CA THR B 276 23.70 -27.42 5.47
C THR B 276 24.64 -28.36 4.74
N GLU B 277 24.14 -29.05 3.71
CA GLU B 277 25.00 -29.90 2.90
C GLU B 277 26.14 -29.11 2.28
N PHE B 278 25.86 -27.88 1.83
CA PHE B 278 26.89 -27.07 1.18
C PHE B 278 27.92 -26.59 2.19
N ILE B 279 27.49 -26.27 3.41
CA ILE B 279 28.42 -25.84 4.45
C ILE B 279 29.35 -26.99 4.84
N LEU B 280 28.78 -28.18 5.05
CA LEU B 280 29.59 -29.32 5.47
C LEU B 280 30.60 -29.71 4.40
N GLU B 281 30.19 -29.68 3.12
CA GLU B 281 31.15 -30.02 2.08
C GLU B 281 32.23 -28.96 1.98
N ASP B 282 31.86 -27.69 2.14
CA ASP B 282 32.86 -26.63 2.26
C ASP B 282 33.82 -26.92 3.40
N TYR B 283 33.30 -27.36 4.54
CA TYR B 283 34.19 -27.52 5.69
C TYR B 283 35.14 -28.70 5.51
N ILE B 284 34.65 -29.79 4.91
CA ILE B 284 35.46 -30.99 4.77
C ILE B 284 36.48 -30.83 3.64
N LYS B 285 36.10 -30.17 2.55
CA LYS B 285 37.03 -29.94 1.45
C LYS B 285 38.22 -29.09 1.91
N LYS B 286 37.97 -28.12 2.80
CA LYS B 286 39.06 -27.29 3.31
C LYS B 286 39.91 -28.06 4.30
N ARG B 287 39.28 -28.82 5.20
CA ARG B 287 39.97 -29.40 6.33
C ARG B 287 40.59 -30.75 6.03
N TYR B 288 40.00 -31.53 5.12
CA TYR B 288 40.47 -32.88 4.80
C TYR B 288 40.53 -33.01 3.28
N PRO B 289 41.57 -32.45 2.66
CA PRO B 289 41.70 -32.52 1.21
C PRO B 289 41.71 -33.95 0.72
N GLY B 290 40.89 -34.24 -0.29
CA GLY B 290 40.87 -35.54 -0.89
C GLY B 290 40.03 -36.56 -0.16
N LEU B 291 39.56 -36.24 1.05
CA LEU B 291 38.75 -37.19 1.79
C LEU B 291 37.46 -37.51 1.06
N ILE B 292 36.79 -36.48 0.51
CA ILE B 292 35.52 -36.71 -0.16
C ILE B 292 35.70 -37.53 -1.42
N ASP B 293 36.81 -37.33 -2.12
CA ASP B 293 37.10 -38.14 -3.30
C ASP B 293 37.29 -39.61 -2.92
N GLU B 294 38.15 -39.86 -1.92
CA GLU B 294 38.30 -41.19 -1.34
C GLU B 294 36.95 -41.82 -1.05
N TYR B 295 36.05 -41.05 -0.44
CA TYR B 295 34.73 -41.54 -0.07
C TYR B 295 33.85 -41.84 -1.29
N CYS B 296 34.11 -41.19 -2.43
CA CYS B 296 33.24 -41.26 -3.60
C CYS B 296 33.63 -42.39 -4.55
N GLU B 297 34.20 -43.48 -4.05
CA GLU B 297 34.63 -44.59 -4.89
C GLU B 297 33.51 -45.61 -5.16
N ASP B 298 32.29 -45.36 -4.69
CA ASP B 298 31.17 -46.25 -4.95
C ASP B 298 29.91 -45.42 -5.21
N TYR B 303 25.46 -37.14 -6.31
CA TYR B 303 25.46 -36.08 -5.28
C TYR B 303 25.42 -36.64 -3.86
N LEU B 304 26.26 -36.10 -2.98
CA LEU B 304 26.35 -36.58 -1.59
C LEU B 304 25.27 -35.94 -0.74
N SER B 305 24.86 -36.65 0.31
CA SER B 305 23.73 -36.25 1.13
C SER B 305 24.18 -36.02 2.57
N LEU B 306 23.25 -35.47 3.36
CA LEU B 306 23.48 -35.22 4.77
C LEU B 306 23.96 -36.47 5.49
N PHE B 307 23.46 -37.64 5.07
CA PHE B 307 23.87 -38.89 5.71
C PHE B 307 25.35 -39.17 5.46
N ASP B 308 25.81 -38.89 4.24
CA ASP B 308 27.21 -39.08 3.91
C ASP B 308 28.10 -38.14 4.73
N TYR B 309 27.73 -36.87 4.78
CA TYR B 309 28.54 -35.92 5.56
C TYR B 309 28.58 -36.32 7.02
N SER B 310 27.48 -36.86 7.55
CA SER B 310 27.48 -37.33 8.93
C SER B 310 28.52 -38.42 9.13
N LYS B 311 28.59 -39.38 8.20
CA LYS B 311 29.58 -40.45 8.31
C LYS B 311 31.00 -39.91 8.11
N LEU B 312 31.17 -38.96 7.19
CA LEU B 312 32.46 -38.32 7.00
C LEU B 312 32.90 -37.59 8.27
N LEU B 313 31.95 -36.96 8.95
CA LEU B 313 32.27 -36.33 10.23
C LEU B 313 32.62 -37.38 11.28
N LYS B 314 31.89 -38.51 11.28
CA LYS B 314 32.27 -39.62 12.15
C LYS B 314 33.68 -40.10 11.85
N ALA B 315 33.96 -40.36 10.57
CA ALA B 315 35.26 -40.87 10.18
C ALA B 315 36.40 -39.94 10.58
N THR B 316 36.13 -38.65 10.70
CA THR B 316 37.15 -37.68 11.07
C THR B 316 37.09 -37.28 12.54
N LYS B 317 36.23 -37.93 13.32
CA LYS B 317 36.09 -37.67 14.75
C LYS B 317 35.71 -36.21 15.01
N GLU B 318 34.91 -35.63 14.11
CA GLU B 318 34.31 -34.31 14.29
C GLU B 318 32.95 -34.46 14.98
N PHE B 319 33.00 -34.79 16.26
CA PHE B 319 31.76 -35.16 16.95
C PHE B 319 30.98 -33.94 17.43
N LYS B 320 31.65 -32.85 17.78
CA LYS B 320 30.93 -31.62 18.09
C LYS B 320 30.12 -31.16 16.89
N LEU B 321 30.72 -31.20 15.70
CA LEU B 321 30.02 -30.78 14.50
C LEU B 321 28.90 -31.75 14.16
N LYS B 322 29.17 -33.06 14.20
CA LYS B 322 28.13 -34.04 13.95
C LYS B 322 26.94 -33.84 14.90
N ARG B 323 27.22 -33.45 16.14
CA ARG B 323 26.16 -33.17 17.11
C ARG B 323 25.37 -31.93 16.70
N THR B 324 26.08 -30.87 16.32
CA THR B 324 25.42 -29.61 15.97
C THR B 324 24.37 -29.80 14.86
N ILE B 325 24.67 -30.64 13.86
CA ILE B 325 23.75 -30.79 12.74
C ILE B 325 22.70 -31.85 13.02
N ALA B 326 22.63 -32.33 14.26
CA ALA B 326 21.65 -33.36 14.59
C ALA B 326 20.21 -32.86 14.47
N PRO B 327 19.84 -31.69 14.99
CA PRO B 327 18.47 -31.18 14.72
C PRO B 327 18.10 -31.24 13.25
N ILE B 328 19.05 -30.93 12.37
CA ILE B 328 18.74 -30.82 10.95
C ILE B 328 18.56 -32.19 10.33
N ILE B 329 19.34 -33.18 10.77
CA ILE B 329 19.12 -34.53 10.26
C ILE B 329 17.79 -35.07 10.75
N ASP B 330 17.45 -34.78 12.01
CA ASP B 330 16.16 -35.23 12.57
C ASP B 330 15.01 -34.79 11.69
N MET B 331 15.09 -33.57 11.16
CA MET B 331 14.11 -32.97 10.25
C MET B 331 13.96 -33.72 8.94
N ASN B 332 14.55 -34.90 8.71
CA ASN B 332 14.47 -35.51 7.38
C ASN B 332 13.10 -36.09 7.11
N SER B 333 12.42 -36.61 8.14
CA SER B 333 11.06 -37.11 7.95
C SER B 333 10.14 -36.02 7.41
N SER B 334 10.21 -34.81 7.99
CA SER B 334 9.31 -33.74 7.60
C SER B 334 9.66 -33.17 6.22
N ARG B 335 10.96 -33.05 5.91
CA ARG B 335 11.39 -32.53 4.61
C ARG B 335 11.03 -33.48 3.47
N ASN B 336 10.69 -34.73 3.77
CA ASN B 336 10.38 -35.73 2.75
C ASN B 336 8.87 -35.79 2.43
N SER B 341 6.50 -35.36 -1.16
CA SER B 341 5.11 -35.79 -1.06
C SER B 341 4.16 -34.60 -0.91
N LEU B 342 2.91 -34.89 -0.53
CA LEU B 342 1.85 -33.90 -0.42
C LEU B 342 1.11 -33.95 0.93
N SER B 343 1.68 -34.58 1.95
CA SER B 343 1.09 -34.55 3.26
C SER B 343 1.42 -33.23 3.96
N PRO B 344 0.59 -32.79 4.89
CA PRO B 344 0.87 -31.52 5.58
C PRO B 344 1.84 -31.69 6.75
N LEU B 345 2.67 -30.67 6.94
CA LEU B 345 3.44 -30.57 8.16
C LEU B 345 2.50 -30.44 9.35
N ASP B 346 2.84 -31.06 10.47
CA ASP B 346 2.15 -30.75 11.71
C ASP B 346 2.90 -29.60 12.40
N SER B 347 2.35 -29.14 13.53
CA SER B 347 2.98 -28.03 14.23
C SER B 347 4.26 -28.45 14.94
N ASP B 348 4.41 -29.74 15.25
CA ASP B 348 5.67 -30.22 15.79
C ASP B 348 6.81 -30.02 14.80
N ALA B 349 6.52 -30.09 13.50
CA ALA B 349 7.54 -29.87 12.48
C ALA B 349 7.78 -28.38 12.21
N VAL B 350 6.75 -27.55 12.41
CA VAL B 350 6.93 -26.11 12.25
C VAL B 350 7.96 -25.58 13.26
N LYS B 351 7.93 -26.10 14.48
CA LYS B 351 8.91 -25.70 15.49
C LYS B 351 10.29 -26.25 15.17
N GLN B 352 10.37 -27.45 14.60
CA GLN B 352 11.65 -27.98 14.13
C GLN B 352 12.39 -26.95 13.27
N LEU B 353 11.71 -26.42 12.24
CA LEU B 353 12.33 -25.43 11.36
C LEU B 353 12.89 -24.25 12.15
N GLY B 354 12.16 -23.80 13.18
CA GLY B 354 12.66 -22.70 13.98
C GLY B 354 13.98 -23.01 14.66
N ILE B 355 14.17 -24.28 15.05
CA ILE B 355 15.40 -24.69 15.72
C ILE B 355 16.53 -24.86 14.72
N ALA B 356 16.27 -25.57 13.61
CA ALA B 356 17.25 -25.67 12.55
C ALA B 356 17.76 -24.29 12.15
N MET B 357 16.86 -23.30 12.15
CA MET B 357 17.22 -21.94 11.80
C MET B 357 18.21 -21.34 12.80
N LYS B 358 18.03 -21.61 14.08
CA LYS B 358 18.99 -21.12 15.07
C LYS B 358 20.28 -21.92 14.99
N THR B 359 20.17 -23.24 14.88
CA THR B 359 21.33 -24.09 14.62
C THR B 359 22.14 -23.57 13.44
N LEU B 360 21.47 -23.36 12.30
CA LEU B 360 22.14 -22.93 11.08
C LEU B 360 22.83 -21.59 11.26
N LYS B 361 22.15 -20.62 11.86
CA LYS B 361 22.74 -19.30 12.08
C LYS B 361 24.03 -19.40 12.88
N THR B 362 24.03 -20.20 13.94
CA THR B 362 25.22 -20.30 14.79
C THR B 362 26.33 -21.05 14.08
N LEU B 363 25.98 -22.04 13.27
CA LEU B 363 26.95 -22.73 12.42
C LEU B 363 27.73 -21.73 11.58
N VAL B 364 27.02 -20.91 10.79
CA VAL B 364 27.70 -20.01 9.86
C VAL B 364 28.42 -18.89 10.60
N ARG B 365 27.91 -18.47 11.75
CA ARG B 365 28.64 -17.49 12.56
C ARG B 365 30.00 -18.03 12.97
N GLU B 366 30.04 -19.28 13.45
CA GLU B 366 31.32 -19.92 13.74
C GLU B 366 32.13 -20.13 12.47
N GLN B 367 31.56 -20.81 11.48
CA GLN B 367 32.34 -21.25 10.33
C GLN B 367 32.86 -20.06 9.53
N TYR B 368 32.07 -19.00 9.40
CA TYR B 368 32.40 -17.94 8.46
C TYR B 368 32.48 -16.54 9.06
N HIS B 369 32.06 -16.36 10.32
CA HIS B 369 32.24 -15.09 11.03
C HIS B 369 31.46 -13.95 10.38
N PHE B 370 30.19 -14.20 10.08
CA PHE B 370 29.33 -13.16 9.54
C PHE B 370 28.93 -12.20 10.64
N SER B 371 28.93 -10.91 10.34
CA SER B 371 28.62 -9.89 11.33
C SER B 371 27.12 -9.73 11.49
N GLN B 372 26.73 -9.06 12.58
CA GLN B 372 25.33 -8.67 12.74
C GLN B 372 24.85 -7.87 11.54
N SER B 373 25.70 -6.99 11.01
CA SER B 373 25.31 -6.17 9.88
C SER B 373 25.13 -7.01 8.61
N ASP B 374 25.96 -8.03 8.41
CA ASP B 374 25.88 -8.83 7.20
C ASP B 374 24.54 -9.54 7.09
N PHE B 375 24.01 -10.00 8.22
CA PHE B 375 22.73 -10.69 8.23
C PHE B 375 21.55 -9.76 8.00
N ASN B 376 21.79 -8.45 7.98
CA ASN B 376 20.73 -7.46 7.94
C ASN B 376 20.63 -6.79 6.58
N PHE B 377 21.09 -7.50 5.54
CA PHE B 377 21.21 -6.90 4.20
C PHE B 377 19.89 -6.34 3.72
N TYR B 378 18.83 -7.15 3.73
CA TYR B 378 17.56 -6.69 3.17
C TYR B 378 16.96 -5.56 3.99
N GLN B 379 16.99 -5.68 5.32
CA GLN B 379 16.48 -4.59 6.15
C GLN B 379 17.20 -3.27 5.84
N ASP B 380 18.53 -3.33 5.66
CA ASP B 380 19.29 -2.11 5.40
C ASP B 380 19.04 -1.59 3.99
N LEU B 381 18.93 -2.48 3.01
CA LEU B 381 18.62 -2.04 1.66
C LEU B 381 17.25 -1.37 1.60
N ASN B 382 16.25 -1.95 2.27
CA ASN B 382 14.92 -1.35 2.31
C ASN B 382 15.00 0.09 2.79
N LYS B 383 15.84 0.36 3.79
CA LYS B 383 16.00 1.73 4.30
C LYS B 383 16.37 2.70 3.19
N ILE B 384 17.37 2.34 2.37
CA ILE B 384 17.78 3.24 1.29
C ILE B 384 16.67 3.36 0.26
N LEU B 385 16.10 2.22 -0.16
CA LEU B 385 15.05 2.25 -1.18
C LEU B 385 13.89 3.12 -0.73
N LEU B 386 13.45 2.97 0.52
CA LEU B 386 12.26 3.68 0.99
C LEU B 386 12.45 5.19 0.94
N THR B 387 13.63 5.69 1.35
CA THR B 387 13.84 7.13 1.32
C THR B 387 13.79 7.66 -0.10
N LYS B 388 14.36 6.91 -1.05
CA LYS B 388 14.30 7.33 -2.45
C LYS B 388 12.89 7.30 -3.02
N LEU B 389 11.94 6.67 -2.34
CA LEU B 389 10.58 6.56 -2.86
C LEU B 389 9.59 7.45 -2.11
N ASN B 390 10.09 8.44 -1.38
CA ASN B 390 9.25 9.51 -0.81
C ASN B 390 9.15 10.69 -1.77
O5' ADN D 1 -16.01 28.37 -1.83
C5' ADN D 1 -16.46 28.35 -3.18
C4' ADN D 1 -15.52 27.57 -4.07
O4' ADN D 1 -16.03 27.63 -5.43
C3' ADN D 1 -14.13 28.17 -4.18
O3' ADN D 1 -13.27 27.27 -4.89
C2' ADN D 1 -14.42 29.34 -5.12
O2' ADN D 1 -13.27 29.88 -5.72
C1' ADN D 1 -15.36 28.67 -6.12
N9 ADN D 1 -16.38 29.49 -6.81
C8 ADN D 1 -17.02 29.16 -7.98
N7 ADN D 1 -17.89 30.06 -8.34
C5 ADN D 1 -17.83 31.03 -7.36
C6 ADN D 1 -18.52 32.25 -7.17
N6 ADN D 1 -19.44 32.70 -8.03
N1 ADN D 1 -18.21 32.99 -6.09
C2 ADN D 1 -17.28 32.53 -5.24
N3 ADN D 1 -16.57 31.40 -5.31
C4 ADN D 1 -16.89 30.69 -6.40
PC A23 D 3 -7.98 31.73 4.07
O1C A23 D 3 -6.90 31.16 4.91
O2C A23 D 3 -8.67 32.68 4.98
P A23 D 3 -11.72 31.82 -1.38
OP1 A23 D 3 -13.02 31.19 -1.80
OP2 A23 D 3 -11.55 33.29 -1.65
O5' A23 D 3 -11.49 31.56 0.19
C5' A23 D 3 -11.22 30.22 0.66
C4' A23 D 3 -9.83 30.18 1.21
O4' A23 D 3 -8.89 30.42 0.14
C3' A23 D 3 -9.54 31.27 2.24
O3' A23 D 3 -8.94 30.68 3.40
C2' A23 D 3 -8.41 32.09 1.64
O2' A23 D 3 -7.50 32.38 2.70
C1' A23 D 3 -7.77 31.10 0.67
N9 A23 D 3 -7.06 31.73 -0.45
C8 A23 D 3 -7.64 32.23 -1.59
N7 A23 D 3 -6.74 32.72 -2.43
C5 A23 D 3 -5.53 32.53 -1.80
C6 A23 D 3 -4.21 32.85 -2.18
N6 A23 D 3 -3.89 33.44 -3.33
N1 A23 D 3 -3.22 32.53 -1.32
C2 A23 D 3 -3.54 31.94 -0.16
N3 A23 D 3 -4.75 31.59 0.30
C4 A23 D 3 -5.70 31.92 -0.57
O5' ADN E 1 -9.07 29.98 6.89
C5' ADN E 1 -10.31 29.81 7.57
C4' ADN E 1 -10.20 28.73 8.61
O4' ADN E 1 -9.65 29.30 9.83
C3' ADN E 1 -11.54 28.13 9.03
O3' ADN E 1 -11.36 26.80 9.55
C2' ADN E 1 -11.94 29.06 10.17
O2' ADN E 1 -12.96 28.54 10.99
C1' ADN E 1 -10.61 29.20 10.87
N9 ADN E 1 -10.40 30.33 11.80
C8 ADN E 1 -9.61 30.32 12.92
N7 ADN E 1 -9.60 31.47 13.54
C5 ADN E 1 -10.42 32.28 12.78
C6 ADN E 1 -10.82 33.63 12.93
N6 ADN E 1 -10.42 34.41 13.93
N1 ADN E 1 -11.66 34.13 11.99
C2 ADN E 1 -12.06 33.34 11.00
N3 ADN E 1 -11.76 32.06 10.76
C4 ADN E 1 -10.93 31.59 11.70
PC A23 E 3 -18.58 27.60 0.81
O1C A23 E 3 -19.19 26.63 -0.12
O2C A23 E 3 -18.68 28.89 0.09
P A23 E 3 -15.56 29.24 6.10
OP1 A23 E 3 -14.41 30.15 6.46
OP2 A23 E 3 -16.69 29.85 5.31
O5' A23 E 3 -14.96 27.96 5.33
C5' A23 E 3 -14.75 27.94 3.90
C4' A23 E 3 -15.86 27.10 3.32
O4' A23 E 3 -16.62 26.49 4.39
C3' A23 E 3 -16.87 27.92 2.52
O3' A23 E 3 -17.12 27.26 1.29
C2' A23 E 3 -18.19 27.74 3.28
O2' A23 E 3 -19.20 27.62 2.28
C1' A23 E 3 -17.97 26.40 3.97
N9 A23 E 3 -18.81 26.21 5.15
C8 A23 E 3 -18.73 26.90 6.34
N7 A23 E 3 -19.61 26.51 7.22
C5 A23 E 3 -20.32 25.49 6.58
C6 A23 E 3 -21.38 24.66 7.00
N6 A23 E 3 -21.94 24.73 8.21
N1 A23 E 3 -21.84 23.74 6.12
C2 A23 E 3 -21.26 23.67 4.92
N3 A23 E 3 -20.27 24.39 4.42
C4 A23 E 3 -19.82 25.29 5.31
#